data_1ADB
#
_entry.id   1ADB
#
_cell.length_a   52.100
_cell.length_b   44.700
_cell.length_c   93.500
_cell.angle_alpha   103.30
_cell.angle_beta   87.90
_cell.angle_gamma   70.40
#
_symmetry.space_group_name_H-M   'P 1'
#
loop_
_entity.id
_entity.type
_entity.pdbx_description
1 polymer 'ALCOHOL DEHYDROGENASE'
2 non-polymer 'ZINC ION'
3 non-polymer '5-BETA-D-RIBOFURANOSYLNICOTINAMIDE ADENINE DINUCLEOTIDE'
4 non-polymer ETHANOL
5 water water
#
_entity_poly.entity_id   1
_entity_poly.type   'polypeptide(L)'
_entity_poly.pdbx_seq_one_letter_code
;STAGKVIKCKAAVLWEEKKPFSIEEVEVAPPKAHEVRIKMVATGICRSDDHVVSGTLVTPLPVIAGHEAAGIVESIGEGV
TTVRPGDKVIPLFTPQCGKCRVCKHPEGNFCLKNDLSMPRGTMQDGTSRFTCRGKPIHHFLGTSTFSQYTVVDEISVAKI
DAASPLEKVCLIGCGFSTGYGSAVKVAKVTQGSTCAVFGLGGVGLSVIMGCKAAGAARIIGVDINKDKFAKAKEVGATEC
VNPQDYKKPIQEVLTEMSNGGVDFSFEVIGRLDTMVTALSCCQEAYGVSVIVGVPPDSQNLSMNPMLLLSGRTWKGAIFG
GFKSKDSVPKLVADFMAKKFALDPLITHVLPFEKINEGFDLLRSGESIRTILTF
;
_entity_poly.pdbx_strand_id   A,B
#
loop_
_chem_comp.id
_chem_comp.type
_chem_comp.name
_chem_comp.formula
CND non-polymer '5-BETA-D-RIBOFURANOSYLNICOTINAMIDE ADENINE DINUCLEOTIDE' 'C21 H27 N7 O14 P2'
EOH non-polymer ETHANOL 'C2 H6 O'
ZN non-polymer 'ZINC ION' 'Zn 2'
#
# COMPACT_ATOMS: atom_id res chain seq x y z
N SER A 1 -0.11 -46.97 7.18
CA SER A 1 -0.40 -48.22 6.43
C SER A 1 -0.55 -47.96 4.92
N THR A 2 0.01 -48.84 4.08
CA THR A 2 -0.12 -48.70 2.63
C THR A 2 -1.56 -49.11 2.25
N ALA A 3 -1.92 -48.96 0.97
CA ALA A 3 -3.27 -49.31 0.55
C ALA A 3 -3.60 -48.97 -0.91
N GLY A 4 -4.90 -49.07 -1.18
CA GLY A 4 -5.51 -48.77 -2.47
C GLY A 4 -6.94 -48.33 -2.15
N LYS A 5 -7.31 -48.41 -0.87
CA LYS A 5 -8.62 -48.03 -0.37
C LYS A 5 -8.52 -47.39 1.03
N VAL A 6 -9.65 -47.17 1.66
CA VAL A 6 -9.73 -46.53 2.96
C VAL A 6 -8.66 -46.96 3.97
N ILE A 7 -8.12 -45.99 4.70
CA ILE A 7 -7.12 -46.20 5.74
C ILE A 7 -7.76 -45.63 6.99
N LYS A 8 -7.85 -46.45 8.01
CA LYS A 8 -8.45 -46.02 9.27
C LYS A 8 -7.27 -45.58 10.14
N CYS A 9 -7.28 -44.34 10.59
CA CYS A 9 -6.17 -43.84 11.41
C CYS A 9 -6.60 -42.89 12.51
N LYS A 10 -5.64 -42.21 13.12
CA LYS A 10 -5.90 -41.28 14.21
C LYS A 10 -5.73 -39.82 13.76
N ALA A 11 -6.37 -38.90 14.46
CA ALA A 11 -6.33 -37.50 14.10
C ALA A 11 -6.96 -36.62 15.17
N ALA A 12 -6.70 -35.32 15.08
CA ALA A 12 -7.27 -34.37 16.02
C ALA A 12 -8.37 -33.62 15.27
N VAL A 13 -9.61 -33.84 15.71
CA VAL A 13 -10.79 -33.22 15.12
C VAL A 13 -11.27 -32.10 16.04
N LEU A 14 -11.56 -30.93 15.47
CA LEU A 14 -12.08 -29.82 16.25
C LEU A 14 -13.55 -29.87 15.86
N TRP A 15 -14.38 -30.30 16.81
CA TRP A 15 -15.82 -30.42 16.61
C TRP A 15 -16.48 -29.06 16.82
N GLU A 16 -16.08 -28.37 17.87
CA GLU A 16 -16.64 -27.05 18.17
C GLU A 16 -15.55 -26.10 18.63
N GLU A 17 -15.73 -24.82 18.30
CA GLU A 17 -14.76 -23.81 18.67
C GLU A 17 -14.60 -23.67 20.18
N LYS A 18 -13.47 -23.10 20.59
CA LYS A 18 -13.15 -22.87 21.99
C LYS A 18 -13.22 -24.14 22.83
N LYS A 19 -12.78 -25.22 22.20
CA LYS A 19 -12.75 -26.55 22.78
C LYS A 19 -11.49 -27.26 22.30
N PRO A 20 -10.89 -28.13 23.15
CA PRO A 20 -9.69 -28.90 22.84
C PRO A 20 -9.87 -29.75 21.58
N PHE A 21 -8.79 -30.27 21.03
CA PHE A 21 -8.91 -31.15 19.87
C PHE A 21 -9.20 -32.53 20.44
N SER A 22 -9.94 -33.33 19.68
CA SER A 22 -10.28 -34.64 20.13
C SER A 22 -9.43 -35.56 19.28
N ILE A 23 -8.58 -36.35 19.92
CA ILE A 23 -7.74 -37.27 19.16
C ILE A 23 -8.58 -38.52 19.06
N GLU A 24 -8.93 -38.87 17.83
CA GLU A 24 -9.74 -40.04 17.57
C GLU A 24 -9.48 -40.63 16.21
N GLU A 25 -10.27 -41.65 15.87
CA GLU A 25 -10.08 -42.38 14.63
C GLU A 25 -10.92 -41.93 13.46
N VAL A 26 -10.26 -41.62 12.35
CA VAL A 26 -10.95 -41.18 11.16
C VAL A 26 -10.65 -42.16 10.05
N GLU A 27 -11.47 -42.14 9.02
CA GLU A 27 -11.28 -42.99 7.88
C GLU A 27 -10.85 -42.04 6.79
N VAL A 28 -9.66 -42.30 6.25
CA VAL A 28 -9.11 -41.48 5.19
C VAL A 28 -9.30 -42.27 3.90
N ALA A 29 -10.01 -41.68 2.96
CA ALA A 29 -10.34 -42.33 1.69
C ALA A 29 -9.26 -42.27 0.65
N PRO A 30 -9.19 -43.28 -0.24
CA PRO A 30 -8.17 -43.27 -1.29
C PRO A 30 -8.27 -42.04 -2.20
N PRO A 31 -7.13 -41.55 -2.71
CA PRO A 31 -7.11 -40.37 -3.58
C PRO A 31 -7.72 -40.57 -4.96
N LYS A 32 -8.57 -39.63 -5.36
CA LYS A 32 -9.20 -39.68 -6.67
C LYS A 32 -8.21 -39.21 -7.72
N ALA A 33 -8.70 -38.89 -8.92
CA ALA A 33 -7.81 -38.44 -9.97
C ALA A 33 -7.13 -37.15 -9.57
N HIS A 34 -5.83 -37.10 -9.82
CA HIS A 34 -5.04 -35.91 -9.49
C HIS A 34 -4.98 -35.58 -7.99
N GLU A 35 -5.08 -36.59 -7.14
CA GLU A 35 -4.98 -36.40 -5.71
C GLU A 35 -3.86 -37.30 -5.22
N VAL A 36 -3.30 -36.96 -4.06
CA VAL A 36 -2.17 -37.66 -3.47
C VAL A 36 -2.48 -37.87 -1.98
N ARG A 37 -2.31 -39.10 -1.50
CA ARG A 37 -2.55 -39.42 -0.10
C ARG A 37 -1.15 -39.40 0.49
N ILE A 38 -1.02 -38.76 1.65
CA ILE A 38 0.27 -38.57 2.28
C ILE A 38 0.33 -39.01 3.72
N LYS A 39 1.42 -39.69 4.08
CA LYS A 39 1.70 -40.14 5.44
C LYS A 39 2.51 -39.02 6.08
N MET A 40 1.95 -38.42 7.12
CA MET A 40 2.58 -37.31 7.82
C MET A 40 3.68 -37.72 8.79
N VAL A 41 4.78 -36.96 8.81
CA VAL A 41 5.85 -37.25 9.76
C VAL A 41 5.96 -36.14 10.84
N ALA A 42 5.84 -34.87 10.44
CA ALA A 42 5.90 -33.77 11.41
C ALA A 42 5.07 -32.58 10.99
N THR A 43 4.56 -31.82 11.98
CA THR A 43 3.73 -30.62 11.77
C THR A 43 3.98 -29.51 12.78
N GLY A 44 4.01 -28.27 12.31
CA GLY A 44 4.20 -27.17 13.23
C GLY A 44 2.88 -26.58 13.72
N ILE A 45 2.89 -25.99 14.91
CA ILE A 45 1.70 -25.37 15.45
C ILE A 45 1.86 -23.86 15.22
N CYS A 46 1.12 -23.34 14.23
CA CYS A 46 1.12 -21.93 13.85
C CYS A 46 -0.01 -21.20 14.58
N ARG A 47 -0.02 -19.86 14.61
CA ARG A 47 -1.15 -19.24 15.33
C ARG A 47 -2.48 -19.32 14.58
N SER A 48 -2.42 -19.50 13.26
CA SER A 48 -3.63 -19.59 12.44
C SER A 48 -4.49 -20.81 12.73
N ASP A 49 -3.89 -21.89 13.16
CA ASP A 49 -4.64 -23.09 13.51
C ASP A 49 -5.34 -22.75 14.84
N ASP A 50 -4.74 -21.88 15.64
CA ASP A 50 -5.36 -21.48 16.91
C ASP A 50 -6.53 -20.52 16.59
N HIS A 51 -6.36 -19.68 15.56
CA HIS A 51 -7.41 -18.74 15.16
C HIS A 51 -8.67 -19.52 14.85
N VAL A 52 -8.48 -20.69 14.28
CA VAL A 52 -9.58 -21.58 13.97
C VAL A 52 -10.28 -21.96 15.27
N VAL A 53 -9.54 -22.40 16.26
CA VAL A 53 -10.20 -22.78 17.51
C VAL A 53 -10.87 -21.60 18.23
N SER A 54 -10.33 -20.42 18.05
CA SER A 54 -10.88 -19.25 18.73
C SER A 54 -12.06 -18.64 17.97
N GLY A 55 -12.20 -19.06 16.71
CA GLY A 55 -13.26 -18.54 15.87
C GLY A 55 -12.86 -17.24 15.20
N THR A 56 -11.59 -16.84 15.32
CA THR A 56 -11.11 -15.61 14.70
C THR A 56 -11.02 -15.85 13.20
N LEU A 57 -10.69 -17.08 12.85
CA LEU A 57 -10.56 -17.51 11.46
C LEU A 57 -11.73 -18.46 11.27
N VAL A 58 -12.70 -18.01 10.48
CA VAL A 58 -13.92 -18.78 10.20
C VAL A 58 -13.74 -19.78 9.07
N THR A 59 -13.94 -21.05 9.41
CA THR A 59 -13.87 -22.14 8.44
C THR A 59 -14.86 -23.13 9.05
N PRO A 60 -15.64 -23.83 8.20
CA PRO A 60 -16.62 -24.81 8.66
C PRO A 60 -16.13 -25.98 9.51
N LEU A 61 -16.72 -26.13 10.68
CA LEU A 61 -16.44 -27.21 11.62
C LEU A 61 -17.52 -28.30 11.41
N PRO A 62 -17.25 -29.56 11.80
CA PRO A 62 -16.01 -30.02 12.42
C PRO A 62 -14.92 -30.02 11.35
N VAL A 63 -13.69 -29.75 11.79
CA VAL A 63 -12.57 -29.68 10.87
C VAL A 63 -11.30 -30.37 11.39
N ILE A 64 -10.42 -30.74 10.46
CA ILE A 64 -9.11 -31.28 10.80
C ILE A 64 -8.16 -30.16 10.32
N ALA A 65 -7.61 -29.42 11.29
CA ALA A 65 -6.72 -28.31 11.02
C ALA A 65 -5.23 -28.67 10.70
N GLY A 66 -4.41 -27.64 10.52
CA GLY A 66 -2.99 -27.83 10.26
C GLY A 66 -2.59 -27.42 8.87
N HIS A 67 -1.67 -26.47 8.76
CA HIS A 67 -1.22 -25.99 7.46
C HIS A 67 0.27 -26.04 7.18
N GLU A 68 1.11 -26.21 8.22
CA GLU A 68 2.57 -26.37 7.99
C GLU A 68 3.06 -27.75 8.41
N ALA A 69 3.37 -28.58 7.42
CA ALA A 69 3.84 -29.93 7.68
C ALA A 69 4.67 -30.44 6.52
N ALA A 70 5.16 -31.67 6.70
CA ALA A 70 5.97 -32.38 5.72
C ALA A 70 5.74 -33.86 5.99
N GLY A 71 5.69 -34.64 4.90
CA GLY A 71 5.44 -36.06 4.99
C GLY A 71 5.95 -36.85 3.78
N ILE A 72 5.43 -38.05 3.61
CA ILE A 72 5.83 -38.93 2.52
C ILE A 72 4.59 -39.45 1.79
N VAL A 73 4.65 -39.49 0.46
CA VAL A 73 3.53 -39.96 -0.36
C VAL A 73 3.23 -41.45 -0.20
N GLU A 74 2.09 -41.76 0.39
CA GLU A 74 1.67 -43.16 0.61
C GLU A 74 1.07 -43.77 -0.65
N SER A 75 0.37 -42.95 -1.43
CA SER A 75 -0.29 -43.36 -2.68
C SER A 75 -0.65 -42.12 -3.48
N ILE A 76 -0.90 -42.30 -4.78
CA ILE A 76 -1.29 -41.19 -5.63
C ILE A 76 -2.53 -41.61 -6.42
N GLY A 77 -3.24 -40.63 -6.96
CA GLY A 77 -4.44 -40.94 -7.72
C GLY A 77 -4.18 -40.95 -9.20
N GLU A 78 -5.20 -41.23 -9.98
CA GLU A 78 -5.11 -41.28 -11.43
C GLU A 78 -4.69 -39.92 -12.01
N GLY A 79 -3.74 -39.95 -12.94
CA GLY A 79 -3.29 -38.74 -13.61
C GLY A 79 -2.18 -37.92 -12.97
N VAL A 80 -1.73 -38.27 -11.78
CA VAL A 80 -0.67 -37.55 -11.08
C VAL A 80 0.67 -37.78 -11.78
N THR A 81 1.46 -36.72 -11.94
CA THR A 81 2.76 -36.85 -12.61
C THR A 81 3.87 -36.08 -11.92
N THR A 82 3.55 -35.38 -10.83
CA THR A 82 4.57 -34.60 -10.16
C THR A 82 5.13 -35.20 -8.86
N VAL A 83 4.53 -36.29 -8.39
CA VAL A 83 5.02 -36.97 -7.19
C VAL A 83 4.80 -38.47 -7.33
N ARG A 84 5.51 -39.24 -6.51
CA ARG A 84 5.43 -40.69 -6.53
C ARG A 84 5.45 -41.20 -5.10
N PRO A 85 4.89 -42.39 -4.84
CA PRO A 85 4.86 -42.97 -3.49
C PRO A 85 6.31 -43.13 -3.00
N GLY A 86 6.61 -42.59 -1.83
CA GLY A 86 7.94 -42.66 -1.31
C GLY A 86 8.62 -41.30 -1.33
N ASP A 87 8.08 -40.39 -2.14
CA ASP A 87 8.66 -39.06 -2.20
C ASP A 87 8.35 -38.27 -0.96
N LYS A 88 9.30 -37.43 -0.56
CA LYS A 88 9.07 -36.56 0.58
C LYS A 88 8.37 -35.37 -0.07
N VAL A 89 7.45 -34.74 0.66
CA VAL A 89 6.70 -33.62 0.13
C VAL A 89 6.21 -32.69 1.24
N ILE A 90 5.83 -31.49 0.82
CA ILE A 90 5.24 -30.51 1.72
C ILE A 90 3.91 -30.10 1.07
N PRO A 91 2.78 -30.19 1.84
CA PRO A 91 1.47 -29.79 1.31
C PRO A 91 1.43 -28.27 1.39
N LEU A 92 0.98 -27.63 0.31
CA LEU A 92 0.90 -26.18 0.22
C LEU A 92 -0.51 -25.67 0.55
N PHE A 93 -0.65 -24.80 1.56
CA PHE A 93 -1.97 -24.25 1.88
C PHE A 93 -2.34 -23.18 0.82
N THR A 94 -1.36 -22.72 0.06
CA THR A 94 -1.61 -21.75 -1.01
C THR A 94 -1.27 -22.57 -2.24
N PRO A 95 -2.27 -22.96 -3.02
CA PRO A 95 -2.05 -23.76 -4.23
C PRO A 95 -1.31 -23.05 -5.36
N GLN A 96 -1.02 -23.82 -6.40
CA GLN A 96 -0.42 -23.27 -7.58
C GLN A 96 -0.90 -24.06 -8.75
N CYS A 97 -2.08 -23.70 -9.24
CA CYS A 97 -2.67 -24.41 -10.37
C CYS A 97 -1.91 -24.18 -11.69
N GLY A 98 -1.20 -23.06 -11.77
CA GLY A 98 -0.47 -22.73 -12.97
C GLY A 98 -1.29 -22.29 -14.17
N LYS A 99 -2.61 -22.38 -14.04
CA LYS A 99 -3.50 -22.00 -15.13
C LYS A 99 -4.19 -20.63 -14.96
N CYS A 100 -4.62 -20.31 -13.73
CA CYS A 100 -5.31 -19.04 -13.48
C CYS A 100 -4.49 -17.79 -13.71
N ARG A 101 -5.18 -16.65 -13.73
CA ARG A 101 -4.59 -15.32 -13.96
C ARG A 101 -3.53 -14.90 -12.94
N VAL A 102 -3.71 -15.28 -11.68
CA VAL A 102 -2.70 -14.94 -10.69
C VAL A 102 -1.43 -15.77 -10.94
N CYS A 103 -1.59 -17.08 -11.17
CA CYS A 103 -0.47 -18.00 -11.44
C CYS A 103 0.34 -17.65 -12.66
N LYS A 104 -0.31 -17.08 -13.67
CA LYS A 104 0.37 -16.70 -14.90
C LYS A 104 1.01 -15.33 -14.72
N HIS A 105 0.68 -14.66 -13.62
CA HIS A 105 1.20 -13.34 -13.32
C HIS A 105 2.50 -13.45 -12.56
N PRO A 106 3.55 -12.78 -13.05
CA PRO A 106 4.91 -12.74 -12.49
C PRO A 106 5.04 -12.59 -10.98
N GLU A 107 4.26 -11.69 -10.40
CA GLU A 107 4.32 -11.40 -8.97
C GLU A 107 3.19 -11.95 -8.09
N GLY A 108 2.05 -12.29 -8.67
CA GLY A 108 0.99 -12.80 -7.82
C GLY A 108 1.26 -14.21 -7.33
N ASN A 109 0.80 -14.55 -6.13
CA ASN A 109 1.01 -15.90 -5.63
C ASN A 109 -0.26 -16.54 -5.09
N PHE A 110 -1.26 -15.70 -4.76
CA PHE A 110 -2.55 -16.14 -4.20
C PHE A 110 -3.45 -16.79 -5.24
N CYS A 111 -3.13 -18.03 -5.60
CA CYS A 111 -3.88 -18.78 -6.60
C CYS A 111 -5.38 -18.72 -6.43
N LEU A 112 -6.06 -18.56 -7.57
CA LEU A 112 -7.52 -18.49 -7.61
C LEU A 112 -8.23 -19.77 -7.19
N LYS A 113 -7.46 -20.84 -6.95
CA LYS A 113 -8.00 -22.12 -6.55
C LYS A 113 -7.87 -22.33 -5.04
N ASN A 114 -7.53 -21.26 -4.31
CA ASN A 114 -7.37 -21.32 -2.84
C ASN A 114 -8.69 -21.41 -2.09
N ASP A 115 -8.65 -22.03 -0.91
CA ASP A 115 -9.84 -22.19 -0.07
C ASP A 115 -9.74 -21.26 1.15
N LEU A 116 -9.20 -20.07 0.94
CA LEU A 116 -9.00 -19.10 2.02
C LEU A 116 -9.90 -17.87 1.96
N SER A 117 -10.20 -17.39 0.76
CA SER A 117 -11.08 -16.24 0.57
C SER A 117 -12.49 -16.69 0.97
N MET A 118 -12.95 -17.78 0.36
CA MET A 118 -14.28 -18.35 0.68
C MET A 118 -14.09 -19.82 1.06
N PRO A 119 -13.79 -20.09 2.33
CA PRO A 119 -13.57 -21.45 2.81
C PRO A 119 -14.75 -22.42 2.83
N ARG A 120 -14.68 -23.41 1.94
CA ARG A 120 -15.69 -24.46 1.83
C ARG A 120 -15.37 -25.64 2.78
N GLY A 121 -14.08 -25.82 3.08
CA GLY A 121 -13.68 -26.89 3.96
C GLY A 121 -13.67 -28.24 3.24
N THR A 122 -13.48 -28.20 1.94
CA THR A 122 -13.47 -29.42 1.16
C THR A 122 -12.19 -29.73 0.38
N MET A 123 -12.33 -29.96 -0.92
CA MET A 123 -11.26 -30.35 -1.80
C MET A 123 -11.68 -29.75 -3.13
N GLN A 124 -10.89 -29.91 -4.16
CA GLN A 124 -11.22 -29.38 -5.48
C GLN A 124 -12.63 -29.74 -5.96
N ASP A 125 -13.04 -31.00 -5.82
CA ASP A 125 -14.38 -31.39 -6.29
C ASP A 125 -15.52 -31.15 -5.32
N GLY A 126 -15.27 -30.38 -4.28
CA GLY A 126 -16.32 -30.10 -3.35
C GLY A 126 -16.70 -31.24 -2.44
N THR A 127 -15.87 -32.28 -2.38
CA THR A 127 -16.15 -33.40 -1.49
C THR A 127 -15.01 -33.60 -0.46
N SER A 128 -15.38 -33.99 0.76
CA SER A 128 -14.42 -34.23 1.82
C SER A 128 -13.66 -35.54 1.53
N ARG A 129 -13.08 -36.12 2.58
CA ARG A 129 -12.29 -37.33 2.44
C ARG A 129 -12.18 -37.93 3.83
N PHE A 130 -12.65 -37.20 4.83
CA PHE A 130 -12.59 -37.65 6.22
C PHE A 130 -13.97 -37.97 6.79
N THR A 131 -14.04 -39.03 7.58
CA THR A 131 -15.28 -39.40 8.23
C THR A 131 -14.87 -39.75 9.64
N CYS A 132 -15.55 -39.16 10.61
CA CYS A 132 -15.24 -39.47 11.99
C CYS A 132 -16.58 -39.85 12.60
N ARG A 133 -16.56 -40.83 13.49
CA ARG A 133 -17.76 -41.38 14.13
C ARG A 133 -18.51 -42.01 12.94
N GLY A 134 -19.24 -41.19 12.19
CA GLY A 134 -19.93 -41.69 11.01
C GLY A 134 -20.16 -40.54 10.05
N LYS A 135 -19.99 -39.32 10.57
CA LYS A 135 -20.21 -38.10 9.84
C LYS A 135 -18.96 -37.56 9.15
N PRO A 136 -19.11 -37.00 7.93
CA PRO A 136 -18.00 -36.43 7.17
C PRO A 136 -17.40 -35.27 7.97
N ILE A 137 -16.10 -35.07 7.82
CA ILE A 137 -15.35 -34.01 8.54
C ILE A 137 -14.73 -33.07 7.50
N HIS A 138 -14.55 -31.79 7.85
CA HIS A 138 -13.98 -30.83 6.90
C HIS A 138 -12.46 -30.77 6.80
N HIS A 139 -12.03 -30.36 5.61
CA HIS A 139 -10.64 -30.14 5.30
C HIS A 139 -10.33 -28.67 5.66
N PHE A 140 -9.07 -28.36 5.96
CA PHE A 140 -8.66 -27.00 6.32
C PHE A 140 -7.62 -26.56 5.32
N LEU A 141 -7.95 -25.48 4.59
CA LEU A 141 -7.08 -24.92 3.54
C LEU A 141 -6.59 -25.96 2.51
N GLY A 142 -7.24 -27.12 2.46
CA GLY A 142 -6.85 -28.15 1.52
C GLY A 142 -5.64 -28.94 1.95
N THR A 143 -5.28 -28.83 3.23
CA THR A 143 -4.13 -29.54 3.75
C THR A 143 -4.50 -30.46 4.91
N SER A 144 -5.11 -29.91 5.96
CA SER A 144 -5.51 -30.66 7.16
C SER A 144 -4.33 -31.56 7.60
N THR A 145 -3.31 -30.96 8.19
CA THR A 145 -2.12 -31.72 8.54
C THR A 145 -2.09 -32.39 9.91
N PHE A 146 -3.04 -32.08 10.80
CA PHE A 146 -3.09 -32.71 12.12
C PHE A 146 -3.71 -34.12 12.04
N SER A 147 -3.26 -34.92 11.07
CA SER A 147 -3.79 -36.25 10.87
C SER A 147 -2.65 -37.16 10.44
N GLN A 148 -2.68 -38.41 10.89
CA GLN A 148 -1.62 -39.36 10.53
C GLN A 148 -1.56 -39.53 9.03
N TYR A 149 -2.70 -39.32 8.36
CA TYR A 149 -2.76 -39.42 6.92
C TYR A 149 -3.74 -38.38 6.44
N THR A 150 -3.49 -37.84 5.26
CA THR A 150 -4.37 -36.82 4.68
C THR A 150 -4.26 -36.94 3.16
N VAL A 151 -5.18 -36.29 2.46
CA VAL A 151 -5.19 -36.33 1.01
C VAL A 151 -5.21 -34.90 0.50
N VAL A 152 -4.39 -34.64 -0.51
CA VAL A 152 -4.32 -33.30 -1.12
C VAL A 152 -4.36 -33.40 -2.64
N ASP A 153 -4.86 -32.35 -3.27
CA ASP A 153 -4.91 -32.31 -4.72
C ASP A 153 -3.49 -32.08 -5.21
N GLU A 154 -3.21 -32.47 -6.45
CA GLU A 154 -1.87 -32.32 -7.04
C GLU A 154 -1.35 -30.91 -7.03
N ILE A 155 -2.25 -29.93 -7.07
CA ILE A 155 -1.83 -28.53 -7.08
C ILE A 155 -1.40 -27.99 -5.71
N SER A 156 -1.72 -28.72 -4.65
CA SER A 156 -1.34 -28.31 -3.30
C SER A 156 -0.23 -29.18 -2.67
N VAL A 157 0.70 -29.67 -3.47
CA VAL A 157 1.76 -30.50 -2.93
C VAL A 157 3.02 -30.31 -3.73
N ALA A 158 4.14 -30.18 -3.05
CA ALA A 158 5.43 -30.01 -3.71
C ALA A 158 6.39 -31.12 -3.29
N LYS A 159 7.15 -31.63 -4.25
CA LYS A 159 8.14 -32.67 -3.96
C LYS A 159 9.38 -31.94 -3.46
N ILE A 160 9.96 -32.43 -2.37
CA ILE A 160 11.18 -31.85 -1.79
C ILE A 160 12.33 -32.88 -1.76
N ASP A 161 13.54 -32.42 -1.48
CA ASP A 161 14.74 -33.28 -1.43
C ASP A 161 14.61 -34.59 -0.62
N ALA A 162 14.89 -35.71 -1.28
CA ALA A 162 14.82 -37.04 -0.67
C ALA A 162 15.70 -37.21 0.57
N ALA A 163 16.65 -36.32 0.74
CA ALA A 163 17.56 -36.35 1.88
C ALA A 163 17.22 -35.32 2.97
N SER A 164 16.18 -34.51 2.72
CA SER A 164 15.78 -33.48 3.67
C SER A 164 15.22 -33.98 4.99
N PRO A 165 15.58 -33.32 6.09
CA PRO A 165 15.14 -33.67 7.44
C PRO A 165 13.72 -33.12 7.72
N LEU A 166 12.72 -33.96 7.49
CA LEU A 166 11.30 -33.61 7.65
C LEU A 166 10.83 -32.95 8.94
N GLU A 167 11.47 -33.20 10.06
CA GLU A 167 11.00 -32.58 11.29
C GLU A 167 11.60 -31.18 11.44
N LYS A 168 12.29 -30.76 10.37
CA LYS A 168 12.91 -29.44 10.29
C LYS A 168 12.19 -28.71 9.15
N VAL A 169 12.36 -29.25 7.96
CA VAL A 169 11.80 -28.75 6.72
C VAL A 169 10.28 -28.44 6.75
N CYS A 170 9.57 -28.98 7.76
CA CYS A 170 8.12 -28.75 7.89
C CYS A 170 7.78 -27.26 8.15
N LEU A 171 8.72 -26.51 8.71
CA LEU A 171 8.54 -25.09 8.99
C LEU A 171 8.48 -24.26 7.69
N ILE A 172 8.97 -24.81 6.60
CA ILE A 172 8.94 -24.13 5.30
C ILE A 172 7.53 -24.22 4.74
N GLY A 173 6.70 -25.06 5.37
CA GLY A 173 5.31 -25.25 4.98
C GLY A 173 4.50 -24.00 5.23
N CYS A 174 4.96 -23.18 6.17
CA CYS A 174 4.33 -21.92 6.50
C CYS A 174 5.22 -20.91 7.20
N GLY A 175 5.39 -21.08 8.51
CA GLY A 175 6.15 -20.16 9.36
C GLY A 175 7.36 -19.43 8.78
N PHE A 176 8.34 -20.21 8.32
CA PHE A 176 9.55 -19.64 7.76
C PHE A 176 9.27 -18.93 6.46
N SER A 177 8.78 -19.68 5.47
CA SER A 177 8.49 -19.15 4.14
C SER A 177 7.65 -17.86 4.14
N THR A 178 6.56 -17.87 4.90
CA THR A 178 5.71 -16.70 4.98
C THR A 178 6.46 -15.51 5.63
N GLY A 179 7.20 -15.76 6.72
CA GLY A 179 7.93 -14.67 7.37
C GLY A 179 9.15 -14.19 6.59
N TYR A 180 9.91 -15.14 6.08
CA TYR A 180 11.12 -14.83 5.31
C TYR A 180 10.70 -14.14 4.01
N GLY A 181 9.65 -14.64 3.38
CA GLY A 181 9.20 -14.05 2.13
C GLY A 181 8.68 -12.64 2.29
N SER A 182 8.02 -12.32 3.39
CA SER A 182 7.46 -10.99 3.63
C SER A 182 8.51 -9.91 3.59
N ALA A 183 9.72 -10.25 4.00
CA ALA A 183 10.81 -9.29 4.02
C ALA A 183 11.54 -9.22 2.70
N VAL A 184 12.04 -10.37 2.31
CA VAL A 184 12.81 -10.51 1.10
C VAL A 184 12.00 -10.29 -0.17
N LYS A 185 10.86 -10.99 -0.26
CA LYS A 185 9.98 -10.95 -1.43
C LYS A 185 8.95 -9.80 -1.45
N VAL A 186 8.14 -9.68 -0.40
CA VAL A 186 7.10 -8.67 -0.39
C VAL A 186 7.57 -7.24 -0.15
N ALA A 187 8.00 -6.89 1.06
CA ALA A 187 8.48 -5.53 1.36
C ALA A 187 9.75 -5.19 0.58
N LYS A 188 10.60 -6.19 0.34
CA LYS A 188 11.86 -6.03 -0.39
C LYS A 188 12.79 -5.12 0.42
N VAL A 189 13.15 -5.60 1.61
CA VAL A 189 14.03 -4.89 2.52
C VAL A 189 15.33 -4.57 1.81
N THR A 190 15.81 -3.33 1.93
CA THR A 190 17.03 -2.89 1.28
C THR A 190 18.21 -2.89 2.25
N GLN A 191 19.42 -3.09 1.75
CA GLN A 191 20.59 -3.07 2.61
C GLN A 191 20.73 -1.70 3.28
N GLY A 192 20.99 -1.69 4.58
CA GLY A 192 21.20 -0.47 5.34
C GLY A 192 19.94 0.09 5.94
N SER A 193 18.83 -0.49 5.56
CA SER A 193 17.56 0.00 6.01
C SER A 193 17.31 -0.26 7.48
N THR A 194 16.38 0.53 8.05
CA THR A 194 15.92 0.40 9.43
C THR A 194 14.54 -0.25 9.37
N CYS A 195 14.42 -1.45 9.95
CA CYS A 195 13.19 -2.21 9.98
C CYS A 195 12.58 -2.27 11.39
N ALA A 196 11.30 -2.59 11.45
CA ALA A 196 10.54 -2.73 12.69
C ALA A 196 9.64 -3.95 12.44
N VAL A 197 9.53 -4.80 13.45
CA VAL A 197 8.73 -6.02 13.35
C VAL A 197 7.93 -6.16 14.65
N PHE A 198 6.61 -6.01 14.54
CA PHE A 198 5.71 -6.16 15.68
C PHE A 198 5.31 -7.64 15.78
N GLY A 199 5.63 -8.28 16.89
CA GLY A 199 5.32 -9.69 17.08
C GLY A 199 6.51 -10.59 16.84
N LEU A 200 7.04 -11.18 17.93
CA LEU A 200 8.21 -12.06 17.85
C LEU A 200 7.92 -13.55 18.08
N GLY A 201 7.04 -14.11 17.26
CA GLY A 201 6.73 -15.52 17.36
C GLY A 201 7.42 -16.16 16.17
N GLY A 202 7.14 -17.41 15.89
CA GLY A 202 7.81 -18.07 14.77
C GLY A 202 7.79 -17.29 13.47
N VAL A 203 6.63 -16.72 13.15
CA VAL A 203 6.50 -15.96 11.91
C VAL A 203 7.28 -14.65 11.99
N GLY A 204 7.22 -13.98 13.14
CA GLY A 204 7.95 -12.72 13.30
C GLY A 204 9.46 -12.92 13.22
N LEU A 205 9.96 -13.88 13.98
CA LEU A 205 11.38 -14.18 14.00
C LEU A 205 11.84 -14.45 12.57
N SER A 206 11.06 -15.18 11.80
CA SER A 206 11.45 -15.43 10.43
C SER A 206 11.49 -14.14 9.62
N VAL A 207 10.66 -13.15 9.95
CA VAL A 207 10.70 -11.89 9.19
C VAL A 207 12.02 -11.19 9.54
N ILE A 208 12.42 -11.28 10.81
CA ILE A 208 13.68 -10.73 11.25
C ILE A 208 14.78 -11.44 10.46
N MET A 209 14.66 -12.75 10.35
CA MET A 209 15.63 -13.53 9.62
C MET A 209 15.83 -12.96 8.22
N GLY A 210 14.72 -12.71 7.53
CA GLY A 210 14.81 -12.18 6.18
C GLY A 210 15.33 -10.77 6.07
N CYS A 211 15.11 -9.97 7.10
CA CYS A 211 15.59 -8.60 7.05
C CYS A 211 17.11 -8.62 7.10
N LYS A 212 17.65 -9.52 7.92
CA LYS A 212 19.09 -9.66 8.08
C LYS A 212 19.66 -10.11 6.74
N ALA A 213 19.03 -11.10 6.15
CA ALA A 213 19.46 -11.60 4.86
C ALA A 213 19.46 -10.47 3.84
N ALA A 214 18.51 -9.54 3.97
CA ALA A 214 18.40 -8.42 3.02
C ALA A 214 19.43 -7.33 3.28
N GLY A 215 20.09 -7.41 4.43
CA GLY A 215 21.09 -6.44 4.78
C GLY A 215 20.61 -5.28 5.62
N ALA A 216 19.46 -5.45 6.30
CA ALA A 216 18.93 -4.40 7.16
C ALA A 216 20.01 -4.01 8.16
N ALA A 217 20.25 -2.72 8.32
CA ALA A 217 21.26 -2.26 9.24
C ALA A 217 20.71 -2.22 10.66
N ARG A 218 19.40 -2.04 10.76
CA ARG A 218 18.74 -1.96 12.07
C ARG A 218 17.42 -2.72 11.97
N ILE A 219 17.15 -3.59 12.92
CA ILE A 219 15.92 -4.39 12.90
C ILE A 219 15.43 -4.36 14.32
N ILE A 220 14.40 -3.56 14.58
CA ILE A 220 13.86 -3.39 15.93
C ILE A 220 12.67 -4.35 16.16
N GLY A 221 12.69 -5.10 17.26
CA GLY A 221 11.61 -6.05 17.56
C GLY A 221 10.69 -5.49 18.62
N VAL A 222 9.39 -5.61 18.44
CA VAL A 222 8.41 -5.06 19.39
C VAL A 222 7.52 -6.18 19.91
N ASP A 223 7.40 -6.28 21.22
CA ASP A 223 6.57 -7.30 21.80
C ASP A 223 6.18 -6.95 23.22
N ILE A 224 5.00 -7.37 23.64
CA ILE A 224 4.56 -7.11 25.00
C ILE A 224 5.07 -8.23 25.89
N ASN A 225 5.64 -9.27 25.28
CA ASN A 225 6.22 -10.42 26.00
C ASN A 225 7.73 -10.26 26.03
N LYS A 226 8.20 -9.71 27.14
CA LYS A 226 9.64 -9.47 27.37
C LYS A 226 10.52 -10.73 27.15
N ASP A 227 10.00 -11.91 27.50
CA ASP A 227 10.72 -13.17 27.36
C ASP A 227 11.07 -13.54 25.91
N LYS A 228 10.49 -12.83 24.93
CA LYS A 228 10.76 -13.13 23.51
C LYS A 228 12.05 -12.48 23.00
N PHE A 229 12.46 -11.44 23.70
CA PHE A 229 13.61 -10.67 23.34
C PHE A 229 14.90 -11.40 23.01
N ALA A 230 15.38 -12.23 23.94
CA ALA A 230 16.64 -12.97 23.74
C ALA A 230 16.70 -13.72 22.41
N LYS A 231 15.66 -14.48 22.11
CA LYS A 231 15.59 -15.23 20.87
C LYS A 231 15.56 -14.33 19.64
N ALA A 232 14.99 -13.13 19.78
CA ALA A 232 14.92 -12.15 18.68
C ALA A 232 16.32 -11.63 18.35
N LYS A 233 16.97 -11.06 19.37
CA LYS A 233 18.33 -10.54 19.25
C LYS A 233 19.17 -11.67 18.67
N GLU A 234 18.91 -12.88 19.18
CA GLU A 234 19.59 -14.07 18.73
C GLU A 234 19.48 -14.35 17.22
N VAL A 235 18.30 -14.16 16.63
CA VAL A 235 18.16 -14.41 15.19
C VAL A 235 18.36 -13.15 14.32
N GLY A 236 18.70 -12.01 14.93
CA GLY A 236 18.95 -10.83 14.11
C GLY A 236 18.54 -9.46 14.62
N ALA A 237 17.63 -9.39 15.57
CA ALA A 237 17.18 -8.11 16.09
C ALA A 237 18.30 -7.32 16.77
N THR A 238 18.39 -6.05 16.40
CA THR A 238 19.36 -5.09 16.91
C THR A 238 18.90 -4.49 18.22
N GLU A 239 17.60 -4.29 18.36
CA GLU A 239 17.01 -3.72 19.58
C GLU A 239 15.75 -4.47 19.83
N CYS A 240 15.16 -4.27 20.99
CA CYS A 240 13.88 -4.88 21.32
C CYS A 240 13.13 -3.89 22.18
N VAL A 241 11.86 -3.66 21.87
CA VAL A 241 11.07 -2.69 22.61
C VAL A 241 9.77 -3.30 23.13
N ASN A 242 9.42 -2.95 24.35
CA ASN A 242 8.19 -3.43 24.95
C ASN A 242 7.32 -2.21 25.22
N PRO A 243 6.30 -2.01 24.39
CA PRO A 243 5.36 -0.90 24.47
C PRO A 243 4.92 -0.55 25.87
N GLN A 244 4.84 -1.57 26.71
CA GLN A 244 4.34 -1.38 28.07
C GLN A 244 5.30 -0.70 29.00
N ASP A 245 6.49 -0.38 28.51
CA ASP A 245 7.49 0.25 29.34
C ASP A 245 7.47 1.74 29.20
N TYR A 246 6.79 2.21 28.17
CA TYR A 246 6.73 3.64 27.89
C TYR A 246 5.43 4.31 28.29
N LYS A 247 5.50 5.61 28.53
CA LYS A 247 4.33 6.39 28.91
C LYS A 247 3.82 7.14 27.68
N LYS A 248 4.33 6.83 26.50
CA LYS A 248 3.88 7.49 25.28
C LYS A 248 3.61 6.47 24.17
N PRO A 249 2.75 6.82 23.21
CA PRO A 249 2.41 5.92 22.10
C PRO A 249 3.63 5.32 21.39
N ILE A 250 3.60 4.01 21.22
CA ILE A 250 4.66 3.27 20.58
C ILE A 250 5.18 3.85 19.27
N GLN A 251 4.32 4.53 18.50
CA GLN A 251 4.76 5.10 17.21
C GLN A 251 5.62 6.33 17.44
N GLU A 252 5.33 7.06 18.51
CA GLU A 252 6.11 8.25 18.81
C GLU A 252 7.50 7.72 19.11
N VAL A 253 7.54 6.71 19.96
CA VAL A 253 8.77 6.06 20.37
C VAL A 253 9.55 5.61 19.15
N LEU A 254 8.93 4.74 18.35
CA LEU A 254 9.58 4.22 17.16
C LEU A 254 10.02 5.27 16.15
N THR A 255 9.24 6.32 15.98
CA THR A 255 9.60 7.39 15.03
C THR A 255 10.80 8.21 15.53
N GLU A 256 10.89 8.40 16.86
CA GLU A 256 11.99 9.14 17.44
C GLU A 256 13.26 8.35 17.34
N MET A 257 13.26 7.12 17.83
CA MET A 257 14.49 6.34 17.74
C MET A 257 15.02 6.10 16.32
N SER A 258 14.15 6.22 15.33
CA SER A 258 14.57 6.03 13.95
C SER A 258 14.76 7.37 13.25
N ASN A 259 14.75 8.44 14.03
CA ASN A 259 14.90 9.80 13.52
C ASN A 259 13.93 10.08 12.39
N GLY A 260 12.65 10.08 12.73
CA GLY A 260 11.63 10.35 11.74
C GLY A 260 10.96 9.14 11.12
N GLY A 261 11.05 7.98 11.77
CA GLY A 261 10.39 6.80 11.21
C GLY A 261 11.28 5.78 10.52
N VAL A 262 10.86 4.53 10.62
CA VAL A 262 11.55 3.40 10.01
C VAL A 262 11.30 3.31 8.49
N ASP A 263 12.10 2.51 7.80
CA ASP A 263 11.92 2.33 6.37
C ASP A 263 10.87 1.29 6.04
N PHE A 264 10.83 0.21 6.83
CA PHE A 264 9.90 -0.90 6.62
C PHE A 264 9.38 -1.42 7.96
N SER A 265 8.07 -1.55 8.11
CA SER A 265 7.48 -2.11 9.34
C SER A 265 6.64 -3.30 8.93
N PHE A 266 6.52 -4.28 9.82
CA PHE A 266 5.73 -5.48 9.55
C PHE A 266 4.82 -5.75 10.70
N GLU A 267 3.56 -6.09 10.41
CA GLU A 267 2.65 -6.45 11.49
C GLU A 267 2.51 -7.97 11.42
N VAL A 268 3.04 -8.65 12.44
CA VAL A 268 2.99 -10.12 12.51
C VAL A 268 2.30 -10.63 13.79
N ILE A 269 1.27 -9.93 14.24
CA ILE A 269 0.51 -10.31 15.44
C ILE A 269 -0.92 -10.70 14.99
N GLY A 270 -1.57 -9.78 14.26
CA GLY A 270 -2.92 -10.01 13.77
C GLY A 270 -3.97 -9.14 14.46
N ARG A 271 -3.65 -7.88 14.70
CA ARG A 271 -4.59 -6.97 15.34
C ARG A 271 -4.82 -5.72 14.51
N LEU A 272 -6.02 -5.18 14.64
CA LEU A 272 -6.37 -4.00 13.88
C LEU A 272 -5.54 -2.80 14.32
N ASP A 273 -5.39 -2.65 15.64
CA ASP A 273 -4.63 -1.54 16.18
C ASP A 273 -3.15 -1.52 15.80
N THR A 274 -2.47 -2.65 15.95
CA THR A 274 -1.05 -2.71 15.59
C THR A 274 -0.82 -2.60 14.10
N MET A 275 -1.81 -2.96 13.27
CA MET A 275 -1.60 -2.82 11.82
C MET A 275 -1.57 -1.34 11.50
N VAL A 276 -2.19 -0.52 12.35
CA VAL A 276 -2.20 0.91 12.11
C VAL A 276 -0.95 1.53 12.71
N THR A 277 -0.59 1.09 13.91
CA THR A 277 0.60 1.56 14.61
C THR A 277 1.85 1.26 13.80
N ALA A 278 1.84 0.12 13.12
CA ALA A 278 2.95 -0.29 12.26
C ALA A 278 3.00 0.64 11.06
N LEU A 279 1.83 0.98 10.53
CA LEU A 279 1.77 1.86 9.37
C LEU A 279 2.29 3.26 9.70
N SER A 280 1.82 3.83 10.82
CA SER A 280 2.21 5.17 11.22
C SER A 280 3.68 5.36 11.60
N CYS A 281 4.26 4.35 12.22
CA CYS A 281 5.65 4.44 12.65
C CYS A 281 6.70 4.40 11.54
N CYS A 282 6.29 4.20 10.29
CA CYS A 282 7.29 4.21 9.23
C CYS A 282 7.34 5.59 8.52
N GLN A 283 8.47 5.90 7.91
CA GLN A 283 8.66 7.18 7.25
C GLN A 283 7.52 7.50 6.30
N GLU A 284 6.98 8.71 6.47
CA GLU A 284 5.82 9.23 5.73
C GLU A 284 5.90 9.35 4.22
N ALA A 285 7.08 9.68 3.70
CA ALA A 285 7.28 9.86 2.27
C ALA A 285 7.73 8.62 1.48
N TYR A 286 8.28 7.63 2.16
CA TYR A 286 8.76 6.47 1.43
C TYR A 286 8.76 5.17 2.27
N GLY A 287 8.19 5.23 3.46
CA GLY A 287 8.14 4.06 4.31
C GLY A 287 7.21 3.02 3.69
N VAL A 288 7.45 1.74 3.99
CA VAL A 288 6.62 0.66 3.47
C VAL A 288 6.23 -0.20 4.65
N SER A 289 4.95 -0.54 4.74
CA SER A 289 4.47 -1.33 5.86
C SER A 289 3.79 -2.56 5.28
N VAL A 290 4.19 -3.73 5.76
CA VAL A 290 3.60 -4.96 5.26
C VAL A 290 2.78 -5.65 6.32
N ILE A 291 1.57 -6.08 5.97
CA ILE A 291 0.74 -6.80 6.94
C ILE A 291 0.87 -8.31 6.73
N VAL A 292 1.30 -8.98 7.80
CA VAL A 292 1.52 -10.42 7.82
C VAL A 292 0.54 -11.17 8.74
N GLY A 293 0.11 -10.51 9.82
CA GLY A 293 -0.80 -11.14 10.74
C GLY A 293 -2.22 -11.26 10.19
N VAL A 294 -2.97 -12.22 10.72
CA VAL A 294 -4.36 -12.49 10.32
C VAL A 294 -5.36 -11.85 11.32
N PRO A 295 -6.15 -10.83 10.87
CA PRO A 295 -7.15 -10.12 11.68
C PRO A 295 -8.42 -10.93 11.98
N PRO A 296 -9.23 -10.49 12.96
CA PRO A 296 -10.46 -11.22 13.31
C PRO A 296 -11.52 -11.06 12.21
N ASP A 297 -12.01 -12.21 11.71
CA ASP A 297 -13.02 -12.32 10.64
C ASP A 297 -13.59 -11.10 9.87
N SER A 298 -14.65 -10.48 10.39
CA SER A 298 -15.24 -9.36 9.66
C SER A 298 -15.08 -8.05 10.37
N GLN A 299 -13.92 -7.82 10.96
CA GLN A 299 -13.71 -6.58 11.65
C GLN A 299 -13.03 -5.57 10.76
N ASN A 300 -13.51 -4.34 10.81
CA ASN A 300 -12.93 -3.27 10.02
C ASN A 300 -12.03 -2.46 10.94
N LEU A 301 -11.08 -1.76 10.35
CA LEU A 301 -10.18 -0.93 11.13
C LEU A 301 -10.35 0.49 10.61
N SER A 302 -10.22 1.48 11.50
CA SER A 302 -10.34 2.86 11.10
C SER A 302 -8.92 3.40 10.92
N MET A 303 -8.74 4.34 10.01
CA MET A 303 -7.42 4.90 9.76
C MET A 303 -7.58 6.21 9.02
N ASN A 304 -6.59 7.10 9.13
CA ASN A 304 -6.63 8.38 8.45
C ASN A 304 -5.88 8.24 7.17
N PRO A 305 -6.55 8.45 6.02
CA PRO A 305 -5.89 8.33 4.72
C PRO A 305 -4.74 9.32 4.40
N MET A 306 -4.57 10.39 5.17
CA MET A 306 -3.47 11.33 4.90
C MET A 306 -2.16 10.54 5.03
N LEU A 307 -2.18 9.57 5.94
CA LEU A 307 -1.04 8.67 6.18
C LEU A 307 -0.50 8.18 4.85
N LEU A 308 -1.39 7.83 3.93
CA LEU A 308 -0.97 7.32 2.64
C LEU A 308 -0.69 8.43 1.68
N LEU A 309 -1.44 9.53 1.77
CA LEU A 309 -1.21 10.66 0.84
C LEU A 309 0.22 11.20 0.90
N SER A 310 0.83 11.10 2.08
CA SER A 310 2.21 11.54 2.31
C SER A 310 3.16 10.85 1.34
N GLY A 311 3.02 9.53 1.21
CA GLY A 311 3.86 8.75 0.30
C GLY A 311 3.99 7.27 0.69
N ARG A 312 3.59 6.93 1.91
CA ARG A 312 3.65 5.54 2.41
C ARG A 312 3.02 4.47 1.49
N THR A 313 3.51 3.23 1.58
CA THR A 313 2.92 2.16 0.80
C THR A 313 2.55 1.07 1.77
N TRP A 314 1.29 0.62 1.67
CA TRP A 314 0.72 -0.41 2.54
C TRP A 314 0.45 -1.66 1.72
N LYS A 315 0.92 -2.81 2.19
CA LYS A 315 0.70 -4.06 1.48
C LYS A 315 0.30 -5.15 2.46
N GLY A 316 0.00 -6.32 1.91
CA GLY A 316 -0.34 -7.48 2.71
C GLY A 316 0.13 -8.67 1.89
N ALA A 317 0.29 -9.82 2.51
CA ALA A 317 0.70 -10.98 1.74
C ALA A 317 0.46 -12.32 2.40
N ILE A 318 0.19 -13.32 1.55
CA ILE A 318 -0.05 -14.70 1.98
C ILE A 318 1.15 -15.53 1.52
N PHE A 319 1.64 -16.36 2.42
CA PHE A 319 2.79 -17.21 2.15
C PHE A 319 4.04 -16.44 1.70
N GLY A 320 4.25 -15.26 2.26
CA GLY A 320 5.41 -14.47 1.91
C GLY A 320 5.59 -14.10 0.46
N GLY A 321 4.50 -14.08 -0.30
CA GLY A 321 4.53 -13.72 -1.70
C GLY A 321 5.03 -14.84 -2.59
N PHE A 322 5.31 -15.98 -1.97
CA PHE A 322 5.84 -17.17 -2.64
C PHE A 322 4.91 -18.02 -3.46
N LYS A 323 5.22 -18.14 -4.75
CA LYS A 323 4.45 -18.99 -5.63
C LYS A 323 4.79 -20.39 -5.08
N SER A 324 3.83 -20.98 -4.37
CA SER A 324 4.00 -22.26 -3.71
C SER A 324 4.78 -23.44 -4.30
N LYS A 325 4.31 -24.02 -5.40
CA LYS A 325 4.97 -25.19 -5.99
C LYS A 325 6.42 -25.04 -6.44
N ASP A 326 6.78 -23.92 -7.04
CA ASP A 326 8.15 -23.82 -7.46
C ASP A 326 9.12 -23.33 -6.40
N SER A 327 8.63 -22.56 -5.45
CA SER A 327 9.50 -22.03 -4.40
C SER A 327 9.86 -22.99 -3.27
N VAL A 328 8.89 -23.76 -2.80
CA VAL A 328 9.13 -24.71 -1.71
C VAL A 328 10.30 -25.67 -1.96
N PRO A 329 10.41 -26.23 -3.18
CA PRO A 329 11.54 -27.14 -3.44
C PRO A 329 12.83 -26.34 -3.32
N LYS A 330 12.86 -25.17 -3.93
CA LYS A 330 14.05 -24.35 -3.90
C LYS A 330 14.40 -23.88 -2.51
N LEU A 331 13.41 -23.63 -1.67
CA LEU A 331 13.72 -23.22 -0.31
C LEU A 331 14.29 -24.36 0.50
N VAL A 332 13.83 -25.59 0.25
CA VAL A 332 14.35 -26.74 0.97
C VAL A 332 15.82 -26.91 0.60
N ALA A 333 16.13 -26.74 -0.68
CA ALA A 333 17.50 -26.85 -1.17
C ALA A 333 18.39 -25.86 -0.37
N ASP A 334 18.04 -24.58 -0.37
CA ASP A 334 18.82 -23.61 0.38
C ASP A 334 19.04 -24.08 1.80
N PHE A 335 18.08 -24.80 2.36
CA PHE A 335 18.22 -25.28 3.73
C PHE A 335 19.35 -26.29 3.75
N MET A 336 19.29 -27.21 2.79
CA MET A 336 20.28 -28.26 2.67
C MET A 336 21.67 -27.66 2.48
N ALA A 337 21.71 -26.51 1.82
CA ALA A 337 22.98 -25.83 1.57
C ALA A 337 23.33 -24.89 2.70
N LYS A 338 22.70 -25.07 3.85
CA LYS A 338 23.00 -24.26 5.02
C LYS A 338 22.86 -22.78 4.74
N LYS A 339 21.86 -22.39 3.96
CA LYS A 339 21.66 -20.97 3.66
C LYS A 339 20.95 -20.23 4.80
N PHE A 340 20.20 -20.97 5.62
CA PHE A 340 19.48 -20.39 6.77
C PHE A 340 19.27 -21.47 7.82
N ALA A 341 19.02 -21.07 9.06
CA ALA A 341 18.82 -22.04 10.14
C ALA A 341 17.40 -22.00 10.66
N LEU A 342 16.79 -23.16 10.81
CA LEU A 342 15.43 -23.26 11.32
C LEU A 342 15.40 -23.60 12.79
N ASP A 343 16.53 -24.09 13.30
CA ASP A 343 16.64 -24.52 14.69
C ASP A 343 16.29 -23.52 15.80
N PRO A 344 16.60 -22.24 15.62
CA PRO A 344 16.24 -21.30 16.69
C PRO A 344 14.73 -21.13 16.93
N LEU A 345 13.90 -21.48 15.95
CA LEU A 345 12.44 -21.30 16.06
C LEU A 345 11.77 -22.47 16.78
N ILE A 346 12.49 -23.57 16.85
CA ILE A 346 11.96 -24.76 17.47
C ILE A 346 12.29 -24.84 18.97
N THR A 347 11.29 -24.60 19.81
CA THR A 347 11.48 -24.67 21.26
C THR A 347 10.96 -25.97 21.90
N HIS A 348 10.12 -26.72 21.20
CA HIS A 348 9.58 -27.96 21.76
C HIS A 348 9.27 -28.90 20.63
N VAL A 349 9.28 -30.20 20.94
CA VAL A 349 8.96 -31.25 19.95
C VAL A 349 8.17 -32.26 20.75
N LEU A 350 6.87 -32.27 20.51
CA LEU A 350 5.96 -33.17 21.21
C LEU A 350 5.36 -34.22 20.30
N PRO A 351 4.88 -35.33 20.89
CA PRO A 351 4.28 -36.39 20.10
C PRO A 351 2.98 -35.82 19.60
N PHE A 352 2.57 -36.18 18.38
CA PHE A 352 1.32 -35.71 17.79
C PHE A 352 0.20 -35.74 18.83
N GLU A 353 0.13 -36.86 19.56
CA GLU A 353 -0.84 -37.11 20.63
C GLU A 353 -0.94 -36.02 21.70
N LYS A 354 0.07 -35.16 21.75
CA LYS A 354 0.13 -34.10 22.74
C LYS A 354 -0.16 -32.73 22.11
N ILE A 355 -0.88 -32.74 20.99
CA ILE A 355 -1.24 -31.52 20.27
C ILE A 355 -1.86 -30.45 21.19
N ASN A 356 -2.70 -30.88 22.14
CA ASN A 356 -3.32 -29.92 23.06
C ASN A 356 -2.29 -29.17 23.90
N GLU A 357 -1.29 -29.89 24.39
CA GLU A 357 -0.22 -29.33 25.20
C GLU A 357 0.56 -28.31 24.37
N GLY A 358 0.70 -28.61 23.08
CA GLY A 358 1.42 -27.74 22.17
C GLY A 358 0.72 -26.41 22.07
N PHE A 359 -0.60 -26.47 21.90
CA PHE A 359 -1.41 -25.27 21.80
C PHE A 359 -1.40 -24.49 23.09
N ASP A 360 -1.34 -25.18 24.21
CA ASP A 360 -1.34 -24.49 25.50
C ASP A 360 -0.05 -23.72 25.66
N LEU A 361 1.04 -24.29 25.15
CA LEU A 361 2.33 -23.64 25.24
C LEU A 361 2.31 -22.36 24.41
N LEU A 362 1.83 -22.49 23.18
CA LEU A 362 1.68 -21.37 22.25
C LEU A 362 0.93 -20.28 23.03
N ARG A 363 -0.27 -20.61 23.48
CA ARG A 363 -1.11 -19.69 24.23
C ARG A 363 -0.53 -19.12 25.53
N SER A 364 0.34 -19.87 26.20
CA SER A 364 0.94 -19.39 27.45
C SER A 364 2.13 -18.47 27.21
N GLY A 365 2.51 -18.35 25.95
CA GLY A 365 3.62 -17.48 25.60
C GLY A 365 5.01 -18.09 25.63
N GLU A 366 5.20 -19.27 26.21
CA GLU A 366 6.58 -19.77 26.20
C GLU A 366 7.02 -20.75 25.14
N SER A 367 6.59 -20.46 23.92
CA SER A 367 6.93 -21.28 22.78
C SER A 367 7.01 -20.38 21.59
N ILE A 368 7.63 -20.89 20.55
CA ILE A 368 7.73 -20.21 19.29
C ILE A 368 7.09 -21.29 18.43
N ARG A 369 7.84 -22.32 18.07
CA ARG A 369 7.26 -23.41 17.31
C ARG A 369 7.41 -24.74 18.06
N THR A 370 6.31 -25.46 18.15
CA THR A 370 6.30 -26.79 18.76
C THR A 370 6.09 -27.65 17.53
N ILE A 371 6.93 -28.67 17.37
CA ILE A 371 6.84 -29.58 16.24
C ILE A 371 6.20 -30.83 16.81
N LEU A 372 5.15 -31.29 16.14
CA LEU A 372 4.42 -32.48 16.55
C LEU A 372 4.90 -33.60 15.64
N THR A 373 5.25 -34.73 16.24
CA THR A 373 5.74 -35.86 15.46
C THR A 373 4.79 -37.07 15.41
N PHE A 374 4.74 -37.68 14.23
CA PHE A 374 3.91 -38.86 13.98
C PHE A 374 4.70 -40.15 14.17
N SER B 1 5.61 46.12 -10.49
CA SER B 1 6.78 46.15 -11.41
C SER B 1 8.07 46.32 -10.59
N THR B 2 9.03 47.04 -11.15
CA THR B 2 10.33 47.36 -10.56
C THR B 2 10.29 47.56 -9.03
N ALA B 3 11.37 47.17 -8.35
CA ALA B 3 11.44 47.36 -6.91
C ALA B 3 12.68 46.88 -6.18
N GLY B 4 12.65 47.20 -4.89
CA GLY B 4 13.64 46.89 -3.89
C GLY B 4 12.93 47.26 -2.60
N LYS B 5 11.67 47.68 -2.72
CA LYS B 5 10.83 48.10 -1.59
C LYS B 5 9.42 47.47 -1.73
N VAL B 6 8.58 47.67 -0.73
CA VAL B 6 7.21 47.15 -0.72
C VAL B 6 6.39 47.43 -1.99
N ILE B 7 5.85 46.39 -2.61
CA ILE B 7 5.03 46.59 -3.80
C ILE B 7 3.57 46.54 -3.35
N LYS B 8 2.72 47.41 -3.89
CA LYS B 8 1.29 47.39 -3.58
C LYS B 8 0.57 46.87 -4.83
N CYS B 9 -0.27 45.85 -4.69
CA CYS B 9 -0.97 45.29 -5.83
C CYS B 9 -2.29 44.59 -5.43
N LYS B 10 -2.90 43.90 -6.39
CA LYS B 10 -4.15 43.19 -6.16
C LYS B 10 -3.91 41.73 -5.88
N ALA B 11 -4.62 41.21 -4.90
CA ALA B 11 -4.55 39.81 -4.51
C ALA B 11 -5.98 39.32 -4.19
N ALA B 12 -6.20 38.01 -4.23
CA ALA B 12 -7.51 37.45 -3.95
C ALA B 12 -7.50 36.93 -2.54
N VAL B 13 -7.81 37.79 -1.58
CA VAL B 13 -7.81 37.39 -0.19
C VAL B 13 -9.05 36.60 0.22
N LEU B 14 -8.88 35.53 0.99
CA LEU B 14 -10.02 34.77 1.47
C LEU B 14 -9.99 35.09 2.98
N TRP B 15 -11.03 35.78 3.47
CA TRP B 15 -11.10 36.15 4.89
C TRP B 15 -11.78 35.15 5.80
N GLU B 16 -12.76 34.44 5.26
CA GLU B 16 -13.52 33.45 6.01
C GLU B 16 -13.84 32.33 5.06
N GLU B 17 -14.24 31.20 5.65
CA GLU B 17 -14.58 30.00 4.91
C GLU B 17 -15.93 30.19 4.23
N LYS B 18 -16.18 29.41 3.19
CA LYS B 18 -17.45 29.44 2.44
C LYS B 18 -17.81 30.83 1.90
N LYS B 19 -16.83 31.71 1.77
CA LYS B 19 -17.11 33.04 1.28
C LYS B 19 -16.35 33.30 0.00
N PRO B 20 -16.83 34.26 -0.81
CA PRO B 20 -16.14 34.57 -2.05
C PRO B 20 -14.77 35.18 -1.73
N PHE B 21 -13.91 35.20 -2.73
CA PHE B 21 -12.60 35.79 -2.58
C PHE B 21 -12.76 37.31 -2.75
N SER B 22 -12.02 38.09 -1.97
CA SER B 22 -12.06 39.55 -2.08
C SER B 22 -10.78 39.98 -2.76
N ILE B 23 -10.87 40.48 -3.99
CA ILE B 23 -9.64 40.94 -4.62
C ILE B 23 -9.37 42.31 -4.00
N GLU B 24 -8.27 42.40 -3.26
CA GLU B 24 -7.90 43.63 -2.58
C GLU B 24 -6.50 44.10 -2.89
N GLU B 25 -6.15 45.26 -2.36
CA GLU B 25 -4.83 45.80 -2.57
C GLU B 25 -3.97 45.33 -1.41
N VAL B 26 -2.96 44.52 -1.72
CA VAL B 26 -2.03 44.00 -0.74
C VAL B 26 -0.64 44.65 -0.91
N GLU B 27 0.12 44.69 0.19
CA GLU B 27 1.48 45.21 0.21
C GLU B 27 2.37 43.97 0.28
N VAL B 28 3.07 43.69 -0.81
CA VAL B 28 3.99 42.56 -0.92
C VAL B 28 5.42 43.04 -0.64
N ALA B 29 5.94 42.63 0.51
CA ALA B 29 7.28 42.98 0.98
C ALA B 29 8.38 42.34 0.15
N PRO B 30 9.53 43.01 0.02
CA PRO B 30 10.68 42.53 -0.75
C PRO B 30 11.27 41.21 -0.25
N PRO B 31 11.89 40.46 -1.18
CA PRO B 31 12.51 39.18 -0.87
C PRO B 31 13.68 39.32 0.08
N LYS B 32 13.73 38.45 1.07
CA LYS B 32 14.84 38.44 2.03
C LYS B 32 15.91 37.48 1.52
N ALA B 33 16.82 37.13 2.40
CA ALA B 33 17.89 36.21 2.04
C ALA B 33 17.31 34.89 1.58
N HIS B 34 17.63 34.51 0.34
CA HIS B 34 17.19 33.24 -0.26
C HIS B 34 15.71 33.18 -0.65
N GLU B 35 15.13 34.30 -1.03
CA GLU B 35 13.73 34.33 -1.45
C GLU B 35 13.64 35.05 -2.78
N VAL B 36 12.57 34.82 -3.53
CA VAL B 36 12.39 35.50 -4.79
C VAL B 36 10.97 36.08 -4.90
N ARG B 37 10.85 37.25 -5.52
CA ARG B 37 9.58 37.95 -5.72
C ARG B 37 9.25 37.62 -7.16
N ILE B 38 8.06 37.11 -7.38
CA ILE B 38 7.66 36.73 -8.73
C ILE B 38 6.42 37.51 -9.20
N LYS B 39 6.45 37.99 -10.43
CA LYS B 39 5.32 38.68 -11.01
C LYS B 39 4.54 37.60 -11.72
N MET B 40 3.40 37.25 -11.14
CA MET B 40 2.52 36.22 -11.64
C MET B 40 2.07 36.49 -13.06
N VAL B 41 1.68 35.44 -13.79
CA VAL B 41 1.22 35.60 -15.17
C VAL B 41 -0.06 34.80 -15.47
N ALA B 42 -0.17 33.61 -14.90
CA ALA B 42 -1.36 32.79 -15.08
C ALA B 42 -1.40 31.83 -13.91
N THR B 43 -2.62 31.43 -13.55
CA THR B 43 -2.87 30.46 -12.47
C THR B 43 -4.07 29.59 -12.79
N GLY B 44 -3.91 28.27 -12.65
CA GLY B 44 -4.98 27.34 -12.87
C GLY B 44 -5.71 27.19 -11.54
N ILE B 45 -7.02 26.99 -11.57
CA ILE B 45 -7.78 26.80 -10.34
C ILE B 45 -7.95 25.30 -10.15
N CYS B 46 -7.41 24.80 -9.06
CA CYS B 46 -7.45 23.39 -8.72
C CYS B 46 -8.41 23.19 -7.54
N ARG B 47 -8.93 21.97 -7.40
CA ARG B 47 -9.88 21.66 -6.34
C ARG B 47 -9.31 21.87 -4.92
N SER B 48 -7.99 21.78 -4.76
CA SER B 48 -7.38 21.99 -3.44
C SER B 48 -7.58 23.44 -2.97
N ASP B 49 -7.55 24.37 -3.91
CA ASP B 49 -7.76 25.78 -3.58
C ASP B 49 -9.19 25.87 -3.11
N ASP B 50 -10.09 25.14 -3.79
CA ASP B 50 -11.51 25.06 -3.41
C ASP B 50 -11.67 24.41 -2.00
N HIS B 51 -10.85 23.42 -1.67
CA HIS B 51 -10.95 22.78 -0.35
C HIS B 51 -10.65 23.78 0.76
N VAL B 52 -9.82 24.77 0.46
CA VAL B 52 -9.48 25.76 1.45
C VAL B 52 -10.72 26.53 1.86
N VAL B 53 -11.46 27.01 0.86
CA VAL B 53 -12.69 27.77 1.07
C VAL B 53 -13.79 26.97 1.79
N SER B 54 -14.08 25.77 1.30
CA SER B 54 -15.11 24.98 1.92
C SER B 54 -14.69 24.40 3.27
N GLY B 55 -13.46 24.65 3.68
CA GLY B 55 -12.99 24.14 4.97
C GLY B 55 -12.56 22.68 5.06
N THR B 56 -12.49 21.98 3.93
CA THR B 56 -12.07 20.57 3.92
C THR B 56 -10.57 20.50 4.19
N LEU B 57 -9.85 21.50 3.68
CA LEU B 57 -8.41 21.60 3.87
C LEU B 57 -8.19 22.76 4.83
N VAL B 58 -7.87 22.43 6.07
CA VAL B 58 -7.62 23.45 7.08
C VAL B 58 -6.22 24.05 6.97
N THR B 59 -6.20 25.38 6.82
CA THR B 59 -4.98 26.17 6.74
C THR B 59 -5.43 27.50 7.38
N PRO B 60 -4.51 28.25 8.03
CA PRO B 60 -4.87 29.52 8.68
C PRO B 60 -5.44 30.62 7.77
N LEU B 61 -6.37 31.40 8.31
CA LEU B 61 -7.00 32.52 7.58
C LEU B 61 -6.60 33.77 8.34
N PRO B 62 -6.56 34.96 7.67
CA PRO B 62 -6.87 35.19 6.25
C PRO B 62 -5.76 34.55 5.44
N VAL B 63 -5.98 34.34 4.14
CA VAL B 63 -4.97 33.71 3.34
C VAL B 63 -5.10 34.06 1.87
N ILE B 64 -4.04 33.80 1.11
CA ILE B 64 -4.05 34.00 -0.33
C ILE B 64 -3.68 32.65 -0.92
N ALA B 65 -4.71 31.88 -1.26
CA ALA B 65 -4.53 30.55 -1.82
C ALA B 65 -3.85 30.59 -3.20
N GLY B 66 -3.81 29.43 -3.85
CA GLY B 66 -3.20 29.32 -5.17
C GLY B 66 -1.90 28.55 -5.07
N HIS B 67 -1.71 27.57 -5.96
CA HIS B 67 -0.51 26.72 -5.96
C HIS B 67 -0.14 26.18 -7.34
N GLU B 68 -0.88 26.56 -8.37
CA GLU B 68 -0.63 26.07 -9.72
C GLU B 68 -0.44 27.27 -10.66
N ALA B 69 0.81 27.68 -10.89
CA ALA B 69 1.06 28.88 -11.69
C ALA B 69 2.39 28.92 -12.41
N ALA B 70 2.61 30.03 -13.10
CA ALA B 70 3.84 30.32 -13.84
C ALA B 70 3.96 31.85 -13.83
N GLY B 71 5.15 32.35 -13.58
CA GLY B 71 5.34 33.80 -13.53
C GLY B 71 6.70 34.22 -14.06
N ILE B 72 7.17 35.37 -13.59
CA ILE B 72 8.45 35.88 -14.04
C ILE B 72 9.17 36.51 -12.87
N VAL B 73 10.45 36.23 -12.75
CA VAL B 73 11.24 36.77 -11.64
C VAL B 73 11.40 38.29 -11.74
N GLU B 74 10.77 38.99 -10.80
CA GLU B 74 10.80 40.45 -10.74
C GLU B 74 12.06 40.96 -10.03
N SER B 75 12.48 40.26 -8.98
CA SER B 75 13.68 40.58 -8.22
C SER B 75 14.18 39.27 -7.61
N ILE B 76 15.33 39.32 -6.95
CA ILE B 76 15.95 38.16 -6.34
C ILE B 76 16.49 38.61 -4.98
N GLY B 77 16.48 37.71 -3.99
CA GLY B 77 16.95 38.06 -2.67
C GLY B 77 18.40 37.70 -2.34
N GLU B 78 18.93 38.28 -1.28
CA GLU B 78 20.31 38.02 -0.86
C GLU B 78 20.59 36.54 -0.72
N GLY B 79 21.52 36.03 -1.53
CA GLY B 79 21.88 34.63 -1.46
C GLY B 79 21.32 33.75 -2.56
N VAL B 80 20.27 34.21 -3.26
CA VAL B 80 19.69 33.39 -4.31
C VAL B 80 20.78 33.08 -5.32
N THR B 81 20.74 31.88 -5.86
CA THR B 81 21.76 31.45 -6.77
C THR B 81 21.15 30.69 -7.95
N THR B 82 19.94 30.19 -7.79
CA THR B 82 19.27 29.38 -8.80
C THR B 82 18.43 30.08 -9.89
N VAL B 83 17.95 31.29 -9.61
CA VAL B 83 17.18 32.04 -10.60
C VAL B 83 17.69 33.46 -10.64
N ARG B 84 17.28 34.19 -11.66
CA ARG B 84 17.72 35.57 -11.84
C ARG B 84 16.52 36.39 -12.35
N PRO B 85 16.54 37.72 -12.13
CA PRO B 85 15.45 38.55 -12.60
C PRO B 85 15.20 38.41 -14.10
N GLY B 86 13.93 38.30 -14.50
CA GLY B 86 13.60 38.16 -15.91
C GLY B 86 13.39 36.73 -16.33
N ASP B 87 13.75 35.82 -15.43
CA ASP B 87 13.59 34.39 -15.64
C ASP B 87 12.16 33.96 -15.46
N LYS B 88 11.69 33.10 -16.37
CA LYS B 88 10.34 32.53 -16.29
C LYS B 88 10.47 31.45 -15.23
N VAL B 89 9.47 31.33 -14.36
CA VAL B 89 9.55 30.37 -13.28
C VAL B 89 8.21 29.71 -12.90
N ILE B 90 8.30 28.67 -12.09
CA ILE B 90 7.11 27.97 -11.61
C ILE B 90 7.26 27.74 -10.11
N PRO B 91 6.34 28.30 -9.29
CA PRO B 91 6.39 28.12 -7.85
C PRO B 91 6.22 26.62 -7.58
N LEU B 92 6.65 26.15 -6.41
CA LEU B 92 6.53 24.73 -6.06
C LEU B 92 5.86 24.59 -4.69
N PHE B 93 4.65 24.03 -4.66
CA PHE B 93 3.96 23.84 -3.39
C PHE B 93 4.66 22.74 -2.56
N THR B 94 5.37 21.84 -3.25
CA THR B 94 6.14 20.80 -2.59
C THR B 94 7.57 21.23 -2.85
N PRO B 95 8.29 21.68 -1.81
CA PRO B 95 9.69 22.14 -1.89
C PRO B 95 10.73 21.03 -2.05
N GLN B 96 11.98 21.40 -2.31
CA GLN B 96 13.04 20.43 -2.41
C GLN B 96 14.30 21.07 -1.90
N CYS B 97 14.45 21.09 -0.57
CA CYS B 97 15.63 21.67 0.08
C CYS B 97 16.95 20.98 -0.26
N GLY B 98 16.86 19.73 -0.68
CA GLY B 98 18.05 18.96 -1.03
C GLY B 98 18.91 18.47 0.12
N LYS B 99 18.51 18.75 1.37
CA LYS B 99 19.27 18.33 2.53
C LYS B 99 18.60 17.29 3.46
N CYS B 100 17.29 17.38 3.61
CA CYS B 100 16.52 16.45 4.46
C CYS B 100 16.57 15.00 4.00
N ARG B 101 16.07 14.13 4.87
CA ARG B 101 16.02 12.67 4.63
C ARG B 101 15.39 12.29 3.30
N VAL B 102 14.20 12.86 3.05
CA VAL B 102 13.46 12.58 1.84
C VAL B 102 14.16 13.04 0.57
N CYS B 103 14.66 14.27 0.58
CA CYS B 103 15.34 14.79 -0.61
C CYS B 103 16.53 13.89 -0.97
N LYS B 104 17.15 13.32 0.06
CA LYS B 104 18.29 12.44 -0.15
C LYS B 104 17.81 11.14 -0.77
N HIS B 105 16.71 10.62 -0.22
CA HIS B 105 16.11 9.39 -0.70
C HIS B 105 15.87 9.47 -2.21
N PRO B 106 16.36 8.49 -2.98
CA PRO B 106 16.18 8.51 -4.43
C PRO B 106 14.74 8.38 -4.93
N GLU B 107 13.83 8.08 -4.03
CA GLU B 107 12.44 7.88 -4.41
C GLU B 107 11.50 8.96 -3.82
N GLY B 108 11.55 9.11 -2.49
CA GLY B 108 10.70 10.07 -1.83
C GLY B 108 10.81 11.48 -2.38
N ASN B 109 9.70 12.22 -2.31
CA ASN B 109 9.68 13.58 -2.84
C ASN B 109 8.93 14.52 -1.91
N PHE B 110 8.26 13.99 -0.88
CA PHE B 110 7.51 14.82 0.07
C PHE B 110 8.50 15.46 1.07
N CYS B 111 9.25 16.42 0.55
CA CYS B 111 10.26 17.16 1.30
C CYS B 111 9.86 17.61 2.68
N LEU B 112 10.73 17.37 3.64
CA LEU B 112 10.46 17.77 5.03
C LEU B 112 10.31 19.27 5.25
N LYS B 113 10.58 20.07 4.23
CA LYS B 113 10.46 21.54 4.37
C LYS B 113 9.11 22.08 3.83
N ASN B 114 8.13 21.19 3.65
CA ASN B 114 6.81 21.52 3.15
C ASN B 114 5.95 22.15 4.25
N ASP B 115 4.87 22.83 3.85
CA ASP B 115 3.94 23.44 4.81
C ASP B 115 2.54 22.80 4.73
N LEU B 116 2.51 21.54 4.29
CA LEU B 116 1.28 20.78 4.11
C LEU B 116 0.87 19.87 5.26
N SER B 117 1.80 19.13 5.85
CA SER B 117 1.47 18.25 6.96
C SER B 117 0.91 19.03 8.14
N MET B 118 1.51 20.19 8.42
CA MET B 118 1.07 21.06 9.52
C MET B 118 1.23 22.50 9.03
N PRO B 119 0.17 23.05 8.42
CA PRO B 119 0.22 24.42 7.90
C PRO B 119 0.40 25.52 8.93
N ARG B 120 1.42 26.33 8.70
CA ARG B 120 1.71 27.49 9.53
C ARG B 120 1.25 28.67 8.68
N GLY B 121 1.26 28.45 7.37
CA GLY B 121 0.83 29.49 6.46
C GLY B 121 1.88 30.57 6.41
N THR B 122 3.14 30.16 6.41
CA THR B 122 4.21 31.13 6.41
C THR B 122 5.32 30.94 5.43
N MET B 123 6.30 31.83 5.56
CA MET B 123 7.52 31.81 4.78
C MET B 123 8.36 30.96 5.75
N GLN B 124 9.46 30.38 5.30
CA GLN B 124 10.23 29.57 6.22
C GLN B 124 10.74 30.32 7.42
N ASP B 125 10.80 31.65 7.30
CA ASP B 125 11.24 32.54 8.38
C ASP B 125 10.22 32.44 9.53
N GLY B 126 9.04 31.94 9.19
CA GLY B 126 7.99 31.83 10.15
C GLY B 126 7.26 33.16 10.11
N THR B 127 7.50 33.94 9.06
CA THR B 127 6.85 35.24 8.90
C THR B 127 6.08 35.36 7.60
N SER B 128 5.14 36.29 7.58
CA SER B 128 4.33 36.54 6.40
C SER B 128 5.00 37.60 5.57
N ARG B 129 4.49 37.77 4.35
CA ARG B 129 5.04 38.74 3.43
C ARG B 129 3.89 39.58 2.85
N PHE B 130 2.67 39.33 3.35
CA PHE B 130 1.47 40.04 2.90
C PHE B 130 0.76 40.80 4.02
N THR B 131 0.14 41.91 3.64
CA THR B 131 -0.61 42.72 4.59
C THR B 131 -1.76 43.35 3.81
N CYS B 132 -2.95 43.23 4.37
CA CYS B 132 -4.16 43.80 3.79
C CYS B 132 -4.77 44.59 4.93
N ARG B 133 -5.42 45.71 4.63
CA ARG B 133 -5.98 46.60 5.64
C ARG B 133 -4.75 47.05 6.39
N GLY B 134 -4.50 46.43 7.53
CA GLY B 134 -3.31 46.71 8.30
C GLY B 134 -2.85 45.35 8.81
N LYS B 135 -3.68 44.35 8.55
CA LYS B 135 -3.49 42.97 9.00
C LYS B 135 -2.66 42.12 8.04
N PRO B 136 -1.78 41.25 8.59
CA PRO B 136 -0.91 40.35 7.83
C PRO B 136 -1.73 39.16 7.31
N ILE B 137 -1.53 38.79 6.06
CA ILE B 137 -2.24 37.68 5.44
C ILE B 137 -1.30 36.48 5.35
N HIS B 138 -1.84 35.27 5.51
CA HIS B 138 -1.02 34.07 5.46
C HIS B 138 -0.71 33.68 4.03
N HIS B 139 0.26 32.75 3.91
CA HIS B 139 0.70 32.19 2.64
C HIS B 139 0.10 30.78 2.58
N PHE B 140 -0.13 30.28 1.36
CA PHE B 140 -0.69 28.96 1.14
C PHE B 140 0.39 28.13 0.50
N LEU B 141 0.77 27.05 1.19
CA LEU B 141 1.80 26.13 0.70
C LEU B 141 3.07 26.88 0.29
N GLY B 142 3.29 28.03 0.92
CA GLY B 142 4.46 28.87 0.61
C GLY B 142 4.49 29.23 -0.87
N THR B 143 3.31 29.25 -1.50
CA THR B 143 3.16 29.56 -2.91
C THR B 143 2.29 30.81 -3.11
N SER B 144 1.01 30.70 -2.73
CA SER B 144 0.04 31.80 -2.84
C SER B 144 0.05 32.45 -4.23
N THR B 145 -0.48 31.75 -5.23
CA THR B 145 -0.46 32.26 -6.60
C THR B 145 -1.62 33.15 -7.05
N PHE B 146 -2.64 33.29 -6.21
CA PHE B 146 -3.79 34.15 -6.53
C PHE B 146 -3.39 35.60 -6.24
N SER B 147 -2.24 36.03 -6.79
CA SER B 147 -1.73 37.36 -6.55
C SER B 147 -0.82 37.77 -7.68
N GLN B 148 -0.83 39.06 -7.96
CA GLN B 148 0.00 39.63 -9.02
C GLN B 148 1.46 39.45 -8.70
N TYR B 149 1.78 39.52 -7.42
CA TYR B 149 3.14 39.36 -6.95
C TYR B 149 3.16 38.50 -5.72
N THR B 150 4.02 37.51 -5.74
CA THR B 150 4.17 36.62 -4.59
C THR B 150 5.66 36.41 -4.41
N VAL B 151 6.07 36.06 -3.20
CA VAL B 151 7.48 35.82 -2.97
C VAL B 151 7.62 34.39 -2.45
N VAL B 152 8.52 33.61 -3.08
CA VAL B 152 8.75 32.23 -2.67
C VAL B 152 10.20 31.96 -2.24
N ASP B 153 10.38 31.00 -1.35
CA ASP B 153 11.72 30.66 -0.90
C ASP B 153 12.34 29.99 -2.10
N GLU B 154 13.66 30.12 -2.24
CA GLU B 154 14.40 29.54 -3.37
C GLU B 154 14.13 28.03 -3.44
N ILE B 155 14.10 27.40 -2.28
CA ILE B 155 13.83 25.97 -2.11
C ILE B 155 12.52 25.60 -2.83
N SER B 156 11.61 26.57 -2.89
CA SER B 156 10.29 26.39 -3.49
C SER B 156 10.07 27.10 -4.83
N VAL B 157 11.04 27.06 -5.73
CA VAL B 157 10.87 27.70 -7.02
C VAL B 157 11.74 27.02 -8.09
N ALA B 158 11.25 26.92 -9.32
CA ALA B 158 12.04 26.25 -10.39
C ALA B 158 12.10 27.04 -11.68
N LYS B 159 13.30 27.18 -12.22
CA LYS B 159 13.52 27.91 -13.45
C LYS B 159 13.05 27.11 -14.66
N ILE B 160 12.29 27.76 -15.54
CA ILE B 160 11.72 27.14 -16.74
C ILE B 160 12.16 27.79 -18.05
N ASP B 161 12.15 27.01 -19.14
CA ASP B 161 12.54 27.47 -20.47
C ASP B 161 11.94 28.84 -20.82
N ALA B 162 12.80 29.74 -21.26
CA ALA B 162 12.41 31.09 -21.65
C ALA B 162 11.48 31.15 -22.85
N ALA B 163 11.27 30.02 -23.52
CA ALA B 163 10.37 30.00 -24.68
C ALA B 163 9.03 29.41 -24.28
N SER B 164 8.85 29.11 -23.00
CA SER B 164 7.62 28.51 -22.50
C SER B 164 6.43 29.43 -22.49
N PRO B 165 5.25 28.90 -22.87
CA PRO B 165 4.02 29.70 -22.88
C PRO B 165 3.48 29.58 -21.46
N LEU B 166 3.87 30.54 -20.61
CA LEU B 166 3.43 30.50 -19.21
C LEU B 166 1.97 30.18 -18.96
N GLU B 167 1.11 30.53 -19.93
CA GLU B 167 -0.33 30.30 -19.84
C GLU B 167 -0.72 28.85 -20.03
N LYS B 168 0.13 28.09 -20.71
CA LYS B 168 -0.11 26.65 -20.93
C LYS B 168 0.59 25.89 -19.80
N VAL B 169 1.89 26.12 -19.74
CA VAL B 169 2.82 25.52 -18.82
C VAL B 169 2.50 25.57 -17.31
N CYS B 170 1.64 26.48 -16.86
CA CYS B 170 1.30 26.52 -15.42
C CYS B 170 0.66 25.22 -14.89
N LEU B 171 0.06 24.44 -15.78
CA LEU B 171 -0.58 23.17 -15.39
C LEU B 171 0.44 22.18 -14.82
N ILE B 172 1.71 22.38 -15.20
CA ILE B 172 2.79 21.55 -14.74
C ILE B 172 3.12 21.86 -13.28
N GLY B 173 2.56 22.95 -12.77
CA GLY B 173 2.76 23.35 -11.39
C GLY B 173 1.89 22.54 -10.44
N CYS B 174 1.08 21.64 -11.00
CA CYS B 174 0.20 20.77 -10.21
C CYS B 174 -0.60 19.82 -11.07
N GLY B 175 -1.83 20.20 -11.42
CA GLY B 175 -2.73 19.38 -12.22
C GLY B 175 -2.17 18.27 -13.08
N PHE B 176 -1.27 18.62 -14.00
CA PHE B 176 -0.70 17.60 -14.88
C PHE B 176 0.39 16.76 -14.20
N SER B 177 1.29 17.42 -13.49
CA SER B 177 2.38 16.73 -12.82
C SER B 177 1.85 15.74 -11.81
N THR B 178 0.91 16.17 -10.97
CA THR B 178 0.34 15.27 -9.96
C THR B 178 -0.35 14.07 -10.61
N GLY B 179 -1.19 14.35 -11.60
CA GLY B 179 -1.89 13.28 -12.27
C GLY B 179 -1.01 12.37 -13.09
N TYR B 180 -0.20 12.95 -13.99
CA TYR B 180 0.69 12.18 -14.85
C TYR B 180 1.73 11.40 -14.05
N GLY B 181 2.22 12.00 -12.97
CA GLY B 181 3.21 11.36 -12.12
C GLY B 181 2.64 10.18 -11.36
N SER B 182 1.37 10.25 -10.98
CA SER B 182 0.74 9.14 -10.25
C SER B 182 0.73 7.87 -11.07
N ALA B 183 0.46 8.03 -12.36
CA ALA B 183 0.42 6.92 -13.28
C ALA B 183 1.82 6.36 -13.54
N VAL B 184 2.66 7.18 -14.15
CA VAL B 184 3.98 6.80 -14.54
C VAL B 184 4.97 6.58 -13.38
N LYS B 185 5.06 7.54 -12.47
CA LYS B 185 6.00 7.44 -11.35
C LYS B 185 5.57 6.60 -10.18
N VAL B 186 4.43 6.93 -9.57
CA VAL B 186 4.01 6.18 -8.39
C VAL B 186 3.36 4.82 -8.57
N ALA B 187 2.49 4.63 -9.55
CA ALA B 187 1.88 3.31 -9.71
C ALA B 187 2.70 2.46 -10.67
N LYS B 188 3.42 3.14 -11.54
CA LYS B 188 4.25 2.47 -12.54
C LYS B 188 3.36 1.53 -13.35
N VAL B 189 2.46 2.14 -14.11
CA VAL B 189 1.53 1.41 -14.96
C VAL B 189 2.33 0.67 -16.03
N THR B 190 1.99 -0.59 -16.22
CA THR B 190 2.66 -1.41 -17.21
C THR B 190 1.87 -1.50 -18.50
N GLN B 191 2.55 -1.84 -19.59
CA GLN B 191 1.90 -1.98 -20.87
C GLN B 191 0.82 -3.07 -20.81
N GLY B 192 -0.10 -3.06 -21.75
CA GLY B 192 -1.15 -4.06 -21.80
C GLY B 192 -2.03 -4.17 -20.57
N SER B 193 -1.75 -3.38 -19.55
CA SER B 193 -2.54 -3.44 -18.33
C SER B 193 -3.95 -2.89 -18.50
N THR B 194 -4.70 -2.92 -17.41
CA THR B 194 -6.07 -2.43 -17.35
C THR B 194 -6.14 -1.56 -16.10
N CYS B 195 -6.59 -0.32 -16.28
CA CYS B 195 -6.68 0.65 -15.21
C CYS B 195 -8.08 1.18 -15.04
N ALA B 196 -8.34 1.76 -13.89
CA ALA B 196 -9.63 2.34 -13.55
C ALA B 196 -9.28 3.67 -12.88
N VAL B 197 -9.83 4.77 -13.37
CA VAL B 197 -9.55 6.09 -12.79
C VAL B 197 -10.84 6.71 -12.28
N PHE B 198 -10.95 6.89 -10.98
CA PHE B 198 -12.14 7.50 -10.40
C PHE B 198 -11.90 9.02 -10.32
N GLY B 199 -12.75 9.81 -10.97
CA GLY B 199 -12.58 11.25 -10.94
C GLY B 199 -12.02 11.77 -12.24
N LEU B 200 -12.84 12.48 -12.99
CA LEU B 200 -12.40 13.02 -14.28
C LEU B 200 -12.13 14.53 -14.37
N GLY B 201 -11.61 15.11 -13.30
CA GLY B 201 -11.25 16.52 -13.32
C GLY B 201 -9.92 16.75 -14.03
N GLY B 202 -9.33 17.93 -13.83
CA GLY B 202 -8.05 18.22 -14.46
C GLY B 202 -6.93 17.27 -14.03
N VAL B 203 -6.95 16.82 -12.78
CA VAL B 203 -5.91 15.92 -12.31
C VAL B 203 -6.23 14.51 -12.82
N GLY B 204 -7.50 14.13 -12.77
CA GLY B 204 -7.90 12.83 -13.24
C GLY B 204 -7.60 12.61 -14.70
N LEU B 205 -7.85 13.63 -15.53
CA LEU B 205 -7.61 13.50 -16.96
C LEU B 205 -6.13 13.34 -17.20
N SER B 206 -5.32 13.90 -16.31
CA SER B 206 -3.88 13.80 -16.44
C SER B 206 -3.45 12.38 -16.13
N VAL B 207 -4.04 11.75 -15.12
CA VAL B 207 -3.72 10.36 -14.79
C VAL B 207 -3.99 9.46 -15.99
N ILE B 208 -5.07 9.74 -16.71
CA ILE B 208 -5.42 8.98 -17.89
C ILE B 208 -4.35 9.20 -18.96
N MET B 209 -3.83 10.43 -19.04
CA MET B 209 -2.78 10.76 -19.99
C MET B 209 -1.54 9.91 -19.67
N GLY B 210 -1.26 9.75 -18.38
CA GLY B 210 -0.12 8.94 -17.97
C GLY B 210 -0.30 7.46 -18.24
N CYS B 211 -1.52 6.94 -18.08
CA CYS B 211 -1.75 5.51 -18.34
C CYS B 211 -1.52 5.22 -19.81
N LYS B 212 -1.89 6.17 -20.68
CA LYS B 212 -1.73 6.02 -22.13
C LYS B 212 -0.27 6.03 -22.48
N ALA B 213 0.48 6.84 -21.74
CA ALA B 213 1.91 6.96 -21.96
C ALA B 213 2.51 5.64 -21.53
N ALA B 214 2.13 5.17 -20.34
CA ALA B 214 2.62 3.91 -19.80
C ALA B 214 2.13 2.65 -20.53
N GLY B 215 1.47 2.83 -21.67
CA GLY B 215 1.01 1.71 -22.48
C GLY B 215 -0.16 0.86 -22.04
N ALA B 216 -0.93 1.33 -21.07
CA ALA B 216 -2.09 0.57 -20.58
C ALA B 216 -2.97 0.12 -21.75
N ALA B 217 -3.66 -1.01 -21.60
CA ALA B 217 -4.54 -1.53 -22.65
C ALA B 217 -5.95 -1.01 -22.54
N ARG B 218 -6.46 -0.94 -21.31
CA ARG B 218 -7.79 -0.43 -21.07
C ARG B 218 -7.73 0.62 -20.00
N ILE B 219 -8.46 1.69 -20.23
CA ILE B 219 -8.52 2.83 -19.32
C ILE B 219 -10.00 3.16 -19.10
N ILE B 220 -10.55 2.68 -17.99
CA ILE B 220 -11.94 2.90 -17.65
C ILE B 220 -12.11 4.15 -16.77
N GLY B 221 -12.73 5.20 -17.31
CA GLY B 221 -12.97 6.42 -16.54
C GLY B 221 -14.26 6.26 -15.74
N VAL B 222 -14.29 6.71 -14.49
CA VAL B 222 -15.47 6.60 -13.64
C VAL B 222 -15.83 7.99 -13.08
N ASP B 223 -17.09 8.42 -13.23
CA ASP B 223 -17.51 9.74 -12.73
C ASP B 223 -19.04 9.81 -12.75
N ILE B 224 -19.61 10.54 -11.79
CA ILE B 224 -21.05 10.73 -11.68
C ILE B 224 -21.52 11.92 -12.54
N ASN B 225 -20.63 12.42 -13.41
CA ASN B 225 -20.93 13.54 -14.28
C ASN B 225 -20.70 13.11 -15.73
N LYS B 226 -21.75 12.55 -16.33
CA LYS B 226 -21.74 12.04 -17.70
C LYS B 226 -21.07 12.99 -18.70
N ASP B 227 -21.20 14.29 -18.47
CA ASP B 227 -20.62 15.27 -19.37
C ASP B 227 -19.10 15.17 -19.50
N LYS B 228 -18.44 14.63 -18.47
CA LYS B 228 -16.99 14.50 -18.49
C LYS B 228 -16.50 13.44 -19.47
N PHE B 229 -17.34 12.47 -19.78
CA PHE B 229 -16.95 11.37 -20.65
C PHE B 229 -16.29 11.67 -22.00
N ALA B 230 -16.63 12.78 -22.63
CA ALA B 230 -16.05 13.14 -23.94
C ALA B 230 -14.55 13.40 -23.82
N LYS B 231 -14.17 14.37 -22.97
CA LYS B 231 -12.77 14.70 -22.76
C LYS B 231 -12.01 13.45 -22.32
N ALA B 232 -12.60 12.69 -21.40
CA ALA B 232 -11.99 11.47 -20.92
C ALA B 232 -11.57 10.62 -22.12
N LYS B 233 -12.54 10.34 -22.99
CA LYS B 233 -12.29 9.53 -24.19
C LYS B 233 -11.29 10.21 -25.12
N GLU B 234 -11.41 11.53 -25.24
CA GLU B 234 -10.51 12.29 -26.11
C GLU B 234 -9.07 12.22 -25.65
N VAL B 235 -8.82 12.13 -24.33
CA VAL B 235 -7.44 12.02 -23.85
C VAL B 235 -6.94 10.58 -23.56
N GLY B 236 -7.67 9.55 -23.99
CA GLY B 236 -7.17 8.20 -23.76
C GLY B 236 -8.10 7.13 -23.23
N ALA B 237 -9.12 7.51 -22.45
CA ALA B 237 -10.04 6.52 -21.92
C ALA B 237 -10.60 5.59 -23.00
N THR B 238 -10.62 4.28 -22.75
CA THR B 238 -11.18 3.33 -23.71
C THR B 238 -12.71 3.23 -23.52
N GLU B 239 -13.19 3.68 -22.35
CA GLU B 239 -14.60 3.67 -22.01
C GLU B 239 -14.81 4.37 -20.68
N CYS B 240 -16.01 4.90 -20.47
CA CYS B 240 -16.30 5.59 -19.23
C CYS B 240 -17.59 4.98 -18.68
N VAL B 241 -17.70 4.93 -17.35
CA VAL B 241 -18.82 4.33 -16.64
C VAL B 241 -19.39 5.29 -15.59
N ASN B 242 -20.71 5.40 -15.50
CA ASN B 242 -21.35 6.27 -14.51
C ASN B 242 -21.95 5.36 -13.46
N PRO B 243 -21.45 5.43 -12.21
CA PRO B 243 -21.95 4.60 -11.11
C PRO B 243 -23.48 4.60 -10.98
N GLN B 244 -24.08 5.77 -11.19
CA GLN B 244 -25.52 5.94 -11.07
C GLN B 244 -26.37 5.19 -12.10
N ASP B 245 -25.76 4.68 -13.16
CA ASP B 245 -26.50 3.91 -14.17
C ASP B 245 -26.71 2.48 -13.67
N TYR B 246 -26.10 2.16 -12.52
CA TYR B 246 -26.15 0.79 -12.03
C TYR B 246 -26.91 0.47 -10.77
N LYS B 247 -27.42 -0.75 -10.76
CA LYS B 247 -28.18 -1.26 -9.64
C LYS B 247 -27.34 -2.10 -8.67
N LYS B 248 -26.05 -2.20 -8.94
CA LYS B 248 -25.13 -2.94 -8.06
C LYS B 248 -23.91 -2.02 -7.83
N PRO B 249 -23.15 -2.26 -6.75
CA PRO B 249 -21.97 -1.43 -6.45
C PRO B 249 -20.94 -1.39 -7.58
N ILE B 250 -20.35 -0.23 -7.79
CA ILE B 250 -19.39 -0.04 -8.86
C ILE B 250 -18.16 -0.95 -8.81
N GLN B 251 -17.82 -1.47 -7.62
CA GLN B 251 -16.68 -2.37 -7.54
C GLN B 251 -17.08 -3.61 -8.30
N GLU B 252 -18.25 -4.16 -7.96
CA GLU B 252 -18.75 -5.37 -8.63
C GLU B 252 -18.80 -5.16 -10.14
N VAL B 253 -19.27 -3.99 -10.57
CA VAL B 253 -19.34 -3.70 -11.98
C VAL B 253 -17.93 -3.75 -12.58
N LEU B 254 -16.99 -3.07 -11.92
CA LEU B 254 -15.58 -2.99 -12.37
C LEU B 254 -14.81 -4.29 -12.38
N THR B 255 -15.01 -5.09 -11.34
CA THR B 255 -14.36 -6.39 -11.24
C THR B 255 -14.86 -7.26 -12.39
N GLU B 256 -16.18 -7.33 -12.55
CA GLU B 256 -16.77 -8.12 -13.63
C GLU B 256 -16.31 -7.63 -14.99
N MET B 257 -16.31 -6.31 -15.20
CA MET B 257 -15.84 -5.73 -16.47
C MET B 257 -14.42 -6.20 -16.77
N SER B 258 -13.57 -6.16 -15.76
CA SER B 258 -12.17 -6.53 -15.90
C SER B 258 -11.89 -7.97 -15.56
N ASN B 259 -12.94 -8.77 -15.57
CA ASN B 259 -12.85 -10.17 -15.23
C ASN B 259 -11.93 -10.47 -14.07
N GLY B 260 -12.30 -9.96 -12.89
CA GLY B 260 -11.52 -10.23 -11.69
C GLY B 260 -10.97 -9.04 -10.95
N GLY B 261 -10.92 -7.89 -11.60
CA GLY B 261 -10.40 -6.73 -10.94
C GLY B 261 -9.40 -6.08 -11.84
N VAL B 262 -9.21 -4.80 -11.60
CA VAL B 262 -8.29 -3.97 -12.36
C VAL B 262 -6.83 -4.14 -11.90
N ASP B 263 -5.88 -3.86 -12.79
CA ASP B 263 -4.46 -3.92 -12.45
C ASP B 263 -4.13 -2.68 -11.59
N PHE B 264 -4.50 -1.51 -12.09
CA PHE B 264 -4.24 -0.26 -11.39
C PHE B 264 -5.50 0.60 -11.28
N SER B 265 -5.82 1.05 -10.06
CA SER B 265 -6.97 1.90 -9.84
C SER B 265 -6.49 3.21 -9.16
N PHE B 266 -7.13 4.34 -9.47
CA PHE B 266 -6.72 5.62 -8.89
C PHE B 266 -7.89 6.40 -8.33
N GLU B 267 -7.75 6.96 -7.12
CA GLU B 267 -8.82 7.76 -6.54
C GLU B 267 -8.41 9.21 -6.74
N VAL B 268 -9.14 9.94 -7.58
CA VAL B 268 -8.80 11.31 -7.86
C VAL B 268 -9.99 12.29 -7.70
N ILE B 269 -10.62 12.15 -6.54
CA ILE B 269 -11.79 12.91 -6.13
C ILE B 269 -11.51 13.47 -4.75
N GLY B 270 -11.41 12.59 -3.75
CA GLY B 270 -11.12 13.04 -2.41
C GLY B 270 -12.15 12.73 -1.37
N ARG B 271 -12.74 11.55 -1.42
CA ARG B 271 -13.72 11.17 -0.40
C ARG B 271 -13.50 9.74 0.08
N LEU B 272 -13.76 9.54 1.37
CA LEU B 272 -13.57 8.25 2.02
C LEU B 272 -14.12 7.02 1.36
N ASP B 273 -15.31 7.13 0.79
CA ASP B 273 -15.97 5.98 0.14
C ASP B 273 -15.34 5.48 -1.16
N THR B 274 -14.92 6.41 -2.01
CA THR B 274 -14.32 6.07 -3.31
C THR B 274 -12.89 5.53 -3.18
N MET B 275 -12.22 5.95 -2.11
CA MET B 275 -10.88 5.49 -1.82
C MET B 275 -10.92 3.99 -1.57
N VAL B 276 -11.89 3.54 -0.77
CA VAL B 276 -12.05 2.11 -0.48
C VAL B 276 -12.57 1.34 -1.70
N THR B 277 -13.50 1.95 -2.42
CA THR B 277 -14.10 1.34 -3.61
C THR B 277 -13.05 1.11 -4.68
N ALA B 278 -12.13 2.07 -4.79
CA ALA B 278 -11.03 2.00 -5.75
C ALA B 278 -10.07 0.88 -5.33
N LEU B 279 -9.82 0.73 -4.02
CA LEU B 279 -8.95 -0.32 -3.55
C LEU B 279 -9.58 -1.67 -3.96
N SER B 280 -10.80 -1.91 -3.48
CA SER B 280 -11.49 -3.16 -3.74
C SER B 280 -11.64 -3.55 -5.21
N CYS B 281 -11.73 -2.56 -6.10
CA CYS B 281 -11.94 -2.89 -7.51
C CYS B 281 -10.72 -3.44 -8.27
N CYS B 282 -9.54 -3.41 -7.64
CA CYS B 282 -8.36 -3.94 -8.31
C CYS B 282 -8.05 -5.36 -7.86
N GLN B 283 -7.40 -6.12 -8.74
CA GLN B 283 -7.03 -7.50 -8.48
C GLN B 283 -6.42 -7.77 -7.11
N GLU B 284 -7.18 -8.55 -6.38
CA GLU B 284 -6.96 -9.02 -5.03
C GLU B 284 -5.57 -9.50 -4.71
N ALA B 285 -4.89 -10.03 -5.70
CA ALA B 285 -3.56 -10.57 -5.51
C ALA B 285 -2.36 -9.76 -6.00
N TYR B 286 -2.56 -8.73 -6.81
CA TYR B 286 -1.42 -7.98 -7.29
C TYR B 286 -1.80 -6.62 -7.85
N GLY B 287 -2.99 -6.17 -7.50
CA GLY B 287 -3.46 -4.88 -7.97
C GLY B 287 -2.89 -3.78 -7.09
N VAL B 288 -2.63 -2.64 -7.73
CA VAL B 288 -2.07 -1.45 -7.10
C VAL B 288 -3.14 -0.33 -7.10
N SER B 289 -3.39 0.27 -5.94
CA SER B 289 -4.37 1.34 -5.83
C SER B 289 -3.66 2.58 -5.31
N VAL B 290 -3.83 3.70 -5.99
CA VAL B 290 -3.17 4.95 -5.58
C VAL B 290 -4.16 6.05 -5.18
N ILE B 291 -4.08 6.51 -3.94
CA ILE B 291 -4.94 7.58 -3.47
C ILE B 291 -4.34 8.91 -3.95
N VAL B 292 -5.02 9.59 -4.88
CA VAL B 292 -4.54 10.88 -5.40
C VAL B 292 -5.29 12.10 -4.84
N GLY B 293 -6.58 11.92 -4.52
CA GLY B 293 -7.36 13.04 -4.05
C GLY B 293 -7.18 13.39 -2.60
N VAL B 294 -7.48 14.64 -2.27
CA VAL B 294 -7.33 15.17 -0.92
C VAL B 294 -8.60 15.05 -0.08
N PRO B 295 -8.60 14.14 0.92
CA PRO B 295 -9.74 13.92 1.81
C PRO B 295 -9.96 15.07 2.81
N PRO B 296 -11.16 15.13 3.42
CA PRO B 296 -11.59 16.13 4.41
C PRO B 296 -10.80 16.06 5.72
N ASP B 297 -10.27 17.21 6.13
CA ASP B 297 -9.44 17.35 7.31
C ASP B 297 -9.20 16.19 8.29
N SER B 298 -10.08 16.01 9.27
CA SER B 298 -9.86 14.96 10.26
C SER B 298 -10.79 13.75 10.20
N GLN B 299 -10.99 13.21 9.00
CA GLN B 299 -11.87 12.07 8.85
C GLN B 299 -11.15 10.77 8.59
N ASN B 300 -11.53 9.75 9.35
CA ASN B 300 -10.95 8.43 9.19
C ASN B 300 -11.83 7.61 8.26
N LEU B 301 -11.24 6.59 7.66
CA LEU B 301 -12.00 5.71 6.79
C LEU B 301 -11.93 4.33 7.46
N SER B 302 -12.99 3.55 7.27
CA SER B 302 -13.06 2.19 7.80
C SER B 302 -12.83 1.28 6.61
N MET B 303 -12.10 0.20 6.82
CA MET B 303 -11.86 -0.73 5.73
C MET B 303 -11.52 -2.05 6.35
N ASN B 304 -11.61 -3.11 5.54
CA ASN B 304 -11.29 -4.43 6.01
C ASN B 304 -9.86 -4.78 5.58
N PRO B 305 -8.98 -5.04 6.57
CA PRO B 305 -7.59 -5.39 6.31
C PRO B 305 -7.36 -6.62 5.42
N MET B 306 -8.35 -7.50 5.31
CA MET B 306 -8.20 -8.68 4.46
C MET B 306 -8.08 -8.30 2.99
N LEU B 307 -8.41 -7.06 2.68
CA LEU B 307 -8.30 -6.55 1.31
C LEU B 307 -6.81 -6.52 0.92
N LEU B 308 -5.96 -6.18 1.90
CA LEU B 308 -4.51 -6.12 1.74
C LEU B 308 -3.88 -7.50 1.88
N LEU B 309 -4.20 -8.20 2.97
CA LEU B 309 -3.66 -9.53 3.22
C LEU B 309 -3.57 -10.44 2.01
N SER B 310 -4.51 -10.31 1.09
CA SER B 310 -4.51 -11.11 -0.13
C SER B 310 -3.35 -10.80 -1.08
N GLY B 311 -2.89 -9.55 -1.12
CA GLY B 311 -1.77 -9.19 -1.99
C GLY B 311 -1.88 -7.83 -2.66
N ARG B 312 -2.80 -7.01 -2.16
CA ARG B 312 -3.02 -5.69 -2.74
C ARG B 312 -2.09 -4.63 -2.13
N THR B 313 -1.66 -3.69 -2.97
CA THR B 313 -0.80 -2.59 -2.51
C THR B 313 -1.54 -1.28 -2.69
N TRP B 314 -1.61 -0.54 -1.60
CA TRP B 314 -2.28 0.74 -1.52
C TRP B 314 -1.24 1.82 -1.24
N LYS B 315 -1.20 2.87 -2.06
CA LYS B 315 -0.25 3.97 -1.89
C LYS B 315 -1.00 5.30 -1.93
N GLY B 316 -0.25 6.37 -1.75
CA GLY B 316 -0.77 7.73 -1.81
C GLY B 316 0.39 8.51 -2.39
N ALA B 317 0.18 9.74 -2.81
CA ALA B 317 1.28 10.50 -3.38
C ALA B 317 0.97 11.96 -3.57
N ILE B 318 1.95 12.81 -3.26
CA ILE B 318 1.80 14.24 -3.41
C ILE B 318 2.66 14.72 -4.56
N PHE B 319 2.05 15.50 -5.44
CA PHE B 319 2.74 16.01 -6.62
C PHE B 319 3.21 14.96 -7.61
N GLY B 320 2.47 13.86 -7.67
CA GLY B 320 2.83 12.82 -8.62
C GLY B 320 4.09 12.02 -8.33
N GLY B 321 4.62 12.15 -7.10
CA GLY B 321 5.82 11.44 -6.72
C GLY B 321 7.09 12.12 -7.22
N PHE B 322 6.92 13.25 -7.91
CA PHE B 322 8.02 13.99 -8.48
C PHE B 322 8.82 14.83 -7.53
N LYS B 323 10.13 14.73 -7.66
CA LYS B 323 11.03 15.58 -6.89
C LYS B 323 10.84 16.93 -7.63
N SER B 324 10.21 17.88 -6.93
CA SER B 324 9.84 19.19 -7.44
C SER B 324 10.80 20.00 -8.31
N LYS B 325 11.90 20.48 -7.76
CA LYS B 325 12.81 21.28 -8.59
C LYS B 325 13.34 20.51 -9.78
N ASP B 326 13.84 19.30 -9.56
CA ASP B 326 14.41 18.49 -10.64
C ASP B 326 13.44 18.22 -11.80
N SER B 327 12.20 17.96 -11.44
CA SER B 327 11.16 17.60 -12.39
C SER B 327 10.39 18.64 -13.20
N VAL B 328 10.01 19.76 -12.59
CA VAL B 328 9.24 20.71 -13.37
C VAL B 328 9.92 21.26 -14.62
N PRO B 329 11.24 21.53 -14.57
CA PRO B 329 11.87 22.06 -15.78
C PRO B 329 12.06 20.98 -16.86
N LYS B 330 12.25 19.74 -16.41
CA LYS B 330 12.42 18.60 -17.29
C LYS B 330 11.06 18.32 -17.95
N LEU B 331 9.99 18.49 -17.17
CA LEU B 331 8.65 18.30 -17.69
C LEU B 331 8.31 19.36 -18.75
N VAL B 332 8.59 20.63 -18.41
CA VAL B 332 8.35 21.75 -19.32
C VAL B 332 9.06 21.56 -20.66
N ALA B 333 10.23 20.94 -20.61
CA ALA B 333 11.02 20.65 -21.80
C ALA B 333 10.30 19.63 -22.68
N ASP B 334 9.77 18.58 -22.05
CA ASP B 334 9.05 17.54 -22.78
C ASP B 334 7.85 18.13 -23.45
N PHE B 335 7.25 19.12 -22.79
CA PHE B 335 6.11 19.81 -23.36
C PHE B 335 6.59 20.52 -24.63
N MET B 336 7.67 21.29 -24.50
CA MET B 336 8.23 22.04 -25.61
C MET B 336 8.49 21.17 -26.85
N ALA B 337 8.98 19.95 -26.61
CA ALA B 337 9.30 19.02 -27.69
C ALA B 337 8.05 18.37 -28.26
N LYS B 338 6.91 18.63 -27.63
CA LYS B 338 5.62 18.11 -28.06
C LYS B 338 5.44 16.62 -27.80
N LYS B 339 5.68 16.20 -26.56
CA LYS B 339 5.52 14.79 -26.18
C LYS B 339 4.22 14.54 -25.40
N PHE B 340 3.47 15.63 -25.19
CA PHE B 340 2.18 15.57 -24.53
C PHE B 340 1.47 16.91 -24.72
N ALA B 341 0.13 16.89 -24.60
CA ALA B 341 -0.65 18.10 -24.78
C ALA B 341 -1.36 18.54 -23.52
N LEU B 342 -1.43 19.86 -23.31
CA LEU B 342 -2.10 20.43 -22.14
C LEU B 342 -3.44 21.06 -22.51
N ASP B 343 -3.58 21.47 -23.77
CA ASP B 343 -4.81 22.10 -24.26
C ASP B 343 -6.09 21.37 -23.82
N PRO B 344 -6.15 20.05 -24.06
CA PRO B 344 -7.34 19.30 -23.66
C PRO B 344 -7.83 19.56 -22.23
N LEU B 345 -6.95 19.98 -21.33
CA LEU B 345 -7.35 20.25 -19.94
C LEU B 345 -7.96 21.63 -19.74
N ILE B 346 -7.56 22.55 -20.59
CA ILE B 346 -7.99 23.93 -20.50
C ILE B 346 -9.37 24.22 -21.12
N THR B 347 -10.41 24.35 -20.27
CA THR B 347 -11.74 24.68 -20.76
C THR B 347 -12.04 26.20 -20.78
N HIS B 348 -11.53 26.94 -19.80
CA HIS B 348 -11.75 28.40 -19.72
C HIS B 348 -10.47 29.19 -19.47
N VAL B 349 -10.54 30.50 -19.73
CA VAL B 349 -9.46 31.46 -19.49
C VAL B 349 -10.16 32.76 -19.15
N LEU B 350 -10.01 33.22 -17.92
CA LEU B 350 -10.66 34.45 -17.46
C LEU B 350 -9.64 35.37 -16.85
N PRO B 351 -9.91 36.68 -16.81
CA PRO B 351 -8.92 37.55 -16.18
C PRO B 351 -8.97 37.25 -14.69
N PHE B 352 -7.82 37.33 -14.04
CA PHE B 352 -7.70 37.08 -12.62
C PHE B 352 -8.90 37.64 -11.83
N GLU B 353 -9.30 38.86 -12.14
CA GLU B 353 -10.42 39.50 -11.45
C GLU B 353 -11.72 38.68 -11.38
N LYS B 354 -11.96 37.86 -12.41
CA LYS B 354 -13.14 37.01 -12.48
C LYS B 354 -12.88 35.69 -11.76
N ILE B 355 -12.00 35.72 -10.78
CA ILE B 355 -11.64 34.53 -10.03
C ILE B 355 -12.87 33.75 -9.54
N ASN B 356 -13.76 34.44 -8.83
CA ASN B 356 -14.96 33.82 -8.31
C ASN B 356 -15.84 33.11 -9.34
N GLU B 357 -15.74 33.55 -10.58
CA GLU B 357 -16.53 32.97 -11.63
C GLU B 357 -15.91 31.61 -11.92
N GLY B 358 -14.58 31.59 -11.99
CA GLY B 358 -13.83 30.37 -12.28
C GLY B 358 -14.09 29.25 -11.28
N PHE B 359 -14.27 29.62 -10.03
CA PHE B 359 -14.56 28.65 -9.02
C PHE B 359 -16.00 28.17 -9.18
N ASP B 360 -16.88 29.06 -9.63
CA ASP B 360 -18.27 28.68 -9.86
C ASP B 360 -18.36 27.68 -11.00
N LEU B 361 -17.57 27.89 -12.04
CA LEU B 361 -17.53 26.95 -13.15
C LEU B 361 -17.05 25.56 -12.67
N LEU B 362 -16.08 25.58 -11.74
CA LEU B 362 -15.50 24.36 -11.17
C LEU B 362 -16.60 23.58 -10.51
N ARG B 363 -17.11 24.18 -9.44
CA ARG B 363 -18.18 23.65 -8.61
C ARG B 363 -19.47 23.22 -9.34
N SER B 364 -19.77 23.86 -10.47
CA SER B 364 -20.96 23.52 -11.24
C SER B 364 -20.69 22.32 -12.17
N GLY B 365 -19.43 22.11 -12.53
CA GLY B 365 -19.10 20.99 -13.39
C GLY B 365 -18.92 21.31 -14.86
N GLU B 366 -19.01 22.59 -15.25
CA GLU B 366 -18.84 22.96 -16.66
C GLU B 366 -17.37 23.07 -17.09
N SER B 367 -16.47 23.13 -16.11
CA SER B 367 -15.06 23.25 -16.44
C SER B 367 -14.20 22.08 -16.01
N ILE B 368 -12.99 22.05 -16.54
CA ILE B 368 -11.97 21.07 -16.19
C ILE B 368 -10.90 21.99 -15.60
N ARG B 369 -10.11 22.65 -16.45
CA ARG B 369 -9.15 23.61 -15.94
C ARG B 369 -9.47 24.98 -16.53
N THR B 370 -9.65 25.95 -15.64
CA THR B 370 -9.92 27.32 -16.02
C THR B 370 -8.63 28.05 -15.62
N ILE B 371 -8.02 28.77 -16.56
CA ILE B 371 -6.76 29.48 -16.31
C ILE B 371 -7.03 30.98 -16.12
N LEU B 372 -6.56 31.55 -15.01
CA LEU B 372 -6.72 32.99 -14.73
C LEU B 372 -5.47 33.74 -15.21
N THR B 373 -5.64 34.72 -16.08
CA THR B 373 -4.50 35.51 -16.58
C THR B 373 -4.39 36.85 -15.81
N PHE B 374 -3.18 37.39 -15.68
CA PHE B 374 -2.98 38.64 -14.95
C PHE B 374 -2.62 39.82 -15.85
ZN ZN C . 0.79 -20.21 9.47
ZN ZN D . -3.70 -20.72 -9.95
PA CND E . 2.73 -16.15 17.81
O1A CND E . 1.73 -16.09 18.91
O2A CND E . 3.78 -17.17 18.03
O5B CND E . 3.22 -14.63 17.65
C5B CND E . 2.43 -13.60 18.32
C4B CND E . 3.38 -12.65 19.03
O4B CND E . 2.87 -11.31 19.01
C3B CND E . 3.61 -13.03 20.50
O3B CND E . 4.98 -12.94 20.95
C2B CND E . 2.82 -12.01 21.26
O2B CND E . 3.36 -11.86 22.59
C1B CND E . 3.00 -10.81 20.35
N9A CND E . 2.04 -9.74 20.64
C8A CND E . 0.81 -9.88 21.16
N7A CND E . 0.20 -8.70 21.38
C5A CND E . 1.13 -7.84 20.99
C6A CND E . 0.94 -6.48 21.02
N6A CND E . -0.18 -5.90 21.49
N1A CND E . 2.02 -5.77 20.63
C2A CND E . 3.13 -6.37 20.24
N3A CND E . 3.29 -7.68 20.18
C4A CND E . 2.29 -8.45 20.55
O3 CND E . 2.13 -16.30 16.35
PN CND E . 2.74 -16.67 14.96
O1N CND E . 2.48 -18.09 14.81
O2N CND E . 4.10 -16.08 14.73
O5D CND E . 1.84 -16.05 13.84
C5D CND E . 1.68 -14.60 13.84
C4D CND E . 0.58 -14.09 12.91
O4D CND E . 0.78 -14.56 11.57
C3D CND E . -0.75 -14.65 13.31
O3D CND E . -1.69 -13.57 13.31
C2D CND E . -1.04 -15.79 12.36
O2D CND E . -2.46 -16.02 12.41
C1D CND E . -0.44 -15.14 11.14
C1N CND E . -0.04 -15.95 10.00
C2N CND E . 0.03 -15.35 8.74
C3N CND E . 0.17 -16.16 7.64
C7N CND E . 0.18 -15.59 6.23
O7N CND E . 0.27 -16.35 5.25
N7N CND E . 0.10 -14.24 6.18
C4N CND E . 0.31 -17.52 7.80
N5N CND E . 0.25 -18.12 9.08
C6N CND E . 0.06 -17.31 10.20
HO3A CND E . 5.04 -13.22 21.90
HO2A CND E . 3.22 -12.72 23.08
H61A CND E . -0.92 -6.49 21.82
H62A CND E . -0.27 -4.91 21.54
HO3N CND E . -1.71 -13.19 14.24
HO2N CND E . -2.73 -16.55 11.59
H71N CND E . 0.04 -13.68 7.01
H72N CND E . 0.10 -13.76 5.29
C1 EOH F . -3.52 -18.10 7.10
C2 EOH F . -3.21 -18.80 5.81
O EOH F . -3.09 -18.94 8.24
H11 EOH F . -4.59 -17.94 7.17
H12 EOH F . -3.01 -17.15 7.14
ZN ZN G . -3.56 20.95 -6.92
ZN ZN H . 14.06 18.37 1.73
PA CND I . -12.31 18.32 -10.00
O1A CND I . -13.11 18.82 -8.84
O2A CND I . -12.23 19.03 -11.32
O5B CND I . -12.77 16.80 -10.29
C5B CND I . -13.40 16.00 -9.27
C4B CND I . -14.16 14.97 -10.06
O4B CND I . -14.64 13.86 -9.30
C3B CND I . -15.38 15.65 -10.63
O3B CND I . -15.39 15.50 -12.06
C2B CND I . -16.58 14.99 -9.97
O2B CND I . -17.59 14.81 -10.95
C1B CND I . -16.04 13.63 -9.62
N9A CND I . -16.77 13.07 -8.49
C8A CND I . -17.24 13.70 -7.39
N7A CND I . -17.91 12.86 -6.57
C5A CND I . -17.74 11.69 -7.19
C6A CND I . -18.18 10.50 -6.69
N6A CND I . -18.75 10.47 -5.51
N1A CND I . -18.00 9.43 -7.46
C2A CND I . -17.41 9.51 -8.65
N3A CND I . -16.98 10.67 -9.15
C4A CND I . -17.09 11.78 -8.41
O3 CND I . -10.85 18.28 -9.27
PN CND I . -9.25 18.30 -9.47
O1N CND I . -8.70 19.71 -9.48
O2N CND I . -9.03 17.47 -10.70
O5D CND I . -8.77 17.56 -8.13
C5D CND I . -9.24 16.26 -7.77
C4D CND I . -8.88 15.88 -6.31
O4D CND I . -7.45 15.83 -6.36
C3D CND I . -9.21 16.96 -5.27
O3D CND I . -9.39 16.40 -3.99
C2D CND I . -7.96 17.81 -5.25
O2D CND I . -7.89 18.44 -3.99
C1D CND I . -6.91 16.71 -5.33
C1N CND I . -5.50 17.17 -5.50
C2N CND I . -4.46 16.40 -5.00
C3N CND I . -3.13 16.83 -5.16
C7N CND I . -1.92 15.95 -4.73
O7N CND I . -0.79 16.43 -4.83
N7N CND I . -2.15 14.70 -4.26
C4N CND I . -2.85 18.08 -5.78
N5N CND I . -3.88 18.87 -6.28
C6N CND I . -5.20 18.36 -6.16
HO3A CND I . -16.33 15.41 -12.37
HO2A CND I . -18.43 15.25 -10.61
H61A CND I . -18.85 11.33 -5.01
H62A CND I . -19.03 9.61 -5.11
HO3N CND I . -10.23 15.84 -4.02
HO2N CND I . -7.88 17.70 -3.33
H71N CND I . -3.09 14.33 -4.26
H72N CND I . -1.41 14.11 -3.95
C1 EOH J . -2.97 20.16 -1.68
C2 EOH J . -2.97 18.77 -1.15
O EOH J . -2.59 20.19 -3.13
H11 EOH J . -2.27 20.75 -1.11
H12 EOH J . -3.96 20.59 -1.55
#